data_1R1G
# 
_entry.id   1R1G 
# 
_audit_conform.dict_name       mmcif_pdbx.dic 
_audit_conform.dict_version    5.403 
_audit_conform.dict_location   http://mmcif.pdb.org/dictionaries/ascii/mmcif_pdbx.dic 
# 
loop_
_database_2.database_id 
_database_2.database_code 
_database_2.pdbx_database_accession 
_database_2.pdbx_DOI 
PDB   1R1G         pdb_00001r1g 10.2210/pdb1r1g/pdb 
RCSB  RCSB020321   ?            ?                   
WWPDB D_1000020321 ?            ?                   
# 
loop_
_pdbx_audit_revision_history.ordinal 
_pdbx_audit_revision_history.data_content_type 
_pdbx_audit_revision_history.major_revision 
_pdbx_audit_revision_history.minor_revision 
_pdbx_audit_revision_history.revision_date 
_pdbx_audit_revision_history.part_number 
1 'Structure model' 1 0 2004-03-02 ? 
2 'Structure model' 1 1 2008-04-29 ? 
3 'Structure model' 1 2 2011-07-13 ? 
4 'Structure model' 1 3 2017-10-11 ? 
5 'Structure model' 1 4 2025-03-26 ? 
# 
_pdbx_audit_revision_details.ordinal             1 
_pdbx_audit_revision_details.revision_ordinal    1 
_pdbx_audit_revision_details.data_content_type   'Structure model' 
_pdbx_audit_revision_details.provider            repository 
_pdbx_audit_revision_details.type                'Initial release' 
_pdbx_audit_revision_details.description         ? 
_pdbx_audit_revision_details.details             ? 
# 
loop_
_pdbx_audit_revision_group.ordinal 
_pdbx_audit_revision_group.revision_ordinal 
_pdbx_audit_revision_group.data_content_type 
_pdbx_audit_revision_group.group 
1 2 'Structure model' 'Version format compliance' 
2 3 'Structure model' 'Version format compliance' 
3 4 'Structure model' 'Refinement description'    
4 5 'Structure model' 'Data collection'           
5 5 'Structure model' 'Database references'       
6 5 'Structure model' 'Derived calculations'      
7 5 'Structure model' 'Structure summary'         
# 
loop_
_pdbx_audit_revision_category.ordinal 
_pdbx_audit_revision_category.revision_ordinal 
_pdbx_audit_revision_category.data_content_type 
_pdbx_audit_revision_category.category 
1 4 'Structure model' software                  
2 5 'Structure model' chem_comp_atom            
3 5 'Structure model' chem_comp_bond            
4 5 'Structure model' database_2                
5 5 'Structure model' pdbx_entry_details        
6 5 'Structure model' pdbx_modification_feature 
7 5 'Structure model' struct_conn               
# 
loop_
_pdbx_audit_revision_item.ordinal 
_pdbx_audit_revision_item.revision_ordinal 
_pdbx_audit_revision_item.data_content_type 
_pdbx_audit_revision_item.item 
1 4 'Structure model' '_software.classification'            
2 4 'Structure model' '_software.name'                      
3 5 'Structure model' '_database_2.pdbx_DOI'                
4 5 'Structure model' '_database_2.pdbx_database_accession' 
5 5 'Structure model' '_struct_conn.pdbx_leaving_atom_flag' 
# 
_pdbx_database_status.status_code                     REL 
_pdbx_database_status.entry_id                        1R1G 
_pdbx_database_status.recvd_initial_deposition_date   2003-09-23 
_pdbx_database_status.deposit_site                    RCSB 
_pdbx_database_status.process_site                    RCSB 
_pdbx_database_status.status_code_sf                  REL 
_pdbx_database_status.SG_entry                        . 
_pdbx_database_status.pdb_format_compatible           Y 
_pdbx_database_status.status_code_mr                  ? 
_pdbx_database_status.status_code_cs                  ? 
_pdbx_database_status.methods_development_category    ? 
_pdbx_database_status.status_code_nmr_data            ? 
# 
_pdbx_database_related.db_name        PDB 
_pdbx_database_related.db_id          1Q2K 
_pdbx_database_related.details        'Solution Structure of BmBKTtx1' 
_pdbx_database_related.content_type   unspecified 
# 
loop_
_audit_author.name 
_audit_author.pdbx_ordinal 
'Szyk, A.'      1 
'Lu, W.'        2 
'Xu, C.'        3 
'Lubkowski, J.' 4 
# 
_citation.id                        primary 
_citation.title                     
'Structure of the scorpion toxin BmBKTtx1 solved from single wavelength anomalous scattering of sulfur.' 
_citation.journal_abbrev            J.Struct.Biol. 
_citation.journal_volume            145 
_citation.page_first                289 
_citation.page_last                 294 
_citation.year                      2004 
_citation.journal_id_ASTM           JSBIEM 
_citation.country                   US 
_citation.journal_id_ISSN           1047-8477 
_citation.journal_id_CSD            0803 
_citation.book_publisher            ? 
_citation.pdbx_database_id_PubMed   14960379 
_citation.pdbx_database_id_DOI      10.1016/j.jsb.2003.11.012 
# 
loop_
_citation_author.citation_id 
_citation_author.name 
_citation_author.ordinal 
_citation_author.identifier_ORCID 
primary 'Szyk, A.'      1 ? 
primary 'Lu, W.'        2 ? 
primary 'Xu, C.'        3 ? 
primary 'Lubkowski, J.' 4 ? 
# 
loop_
_entity.id 
_entity.type 
_entity.src_method 
_entity.pdbx_description 
_entity.formula_weight 
_entity.pdbx_number_of_molecules 
_entity.pdbx_ec 
_entity.pdbx_mutation 
_entity.pdbx_fragment 
_entity.details 
1 polymer syn 'Neurotoxin BmK37' 3511.301 2   ? ? ? ? 
2 water   nat water              18.015   108 ? ? ? ? 
# 
_entity_name_com.entity_id   1 
_entity_name_com.name        BmBKTtx1 
# 
_entity_poly.entity_id                      1 
_entity_poly.type                           'polypeptide(L)' 
_entity_poly.nstd_linkage                   no 
_entity_poly.nstd_monomer                   yes 
_entity_poly.pdbx_seq_one_letter_code       '(LAL)ACYSSDCRV(MLY)CVAMGFSSG(MLY)CINS(MLY)C(MLY)CY(MLY)' 
_entity_poly.pdbx_seq_one_letter_code_can   AACYSSDCRVKCVAMGFSSGKCINSKCKCYK 
_entity_poly.pdbx_strand_id                 A,B 
_entity_poly.pdbx_target_identifier         ? 
# 
_pdbx_entity_nonpoly.entity_id   2 
_pdbx_entity_nonpoly.name        water 
_pdbx_entity_nonpoly.comp_id     HOH 
# 
loop_
_entity_poly_seq.entity_id 
_entity_poly_seq.num 
_entity_poly_seq.mon_id 
_entity_poly_seq.hetero 
1 1  LAL n 
1 2  ALA n 
1 3  CYS n 
1 4  TYR n 
1 5  SER n 
1 6  SER n 
1 7  ASP n 
1 8  CYS n 
1 9  ARG n 
1 10 VAL n 
1 11 MLY n 
1 12 CYS n 
1 13 VAL n 
1 14 ALA n 
1 15 MET n 
1 16 GLY n 
1 17 PHE n 
1 18 SER n 
1 19 SER n 
1 20 GLY n 
1 21 MLY n 
1 22 CYS n 
1 23 ILE n 
1 24 ASN n 
1 25 SER n 
1 26 MLY n 
1 27 CYS n 
1 28 MLY n 
1 29 CYS n 
1 30 TYR n 
1 31 MLY n 
# 
_pdbx_entity_src_syn.entity_id              1 
_pdbx_entity_src_syn.pdbx_src_id            1 
_pdbx_entity_src_syn.pdbx_alt_source_flag   sample 
_pdbx_entity_src_syn.pdbx_beg_seq_num       ? 
_pdbx_entity_src_syn.pdbx_end_seq_num       ? 
_pdbx_entity_src_syn.organism_scientific    ? 
_pdbx_entity_src_syn.organism_common_name   ? 
_pdbx_entity_src_syn.ncbi_taxonomy_id       ? 
_pdbx_entity_src_syn.details                
;Sequence corresponds to that of naturally occuring toxin from scorpion Buthus martensi Karsch. Protein was synthesized using Boc chemistry. After folding all primary amino groups of BmBKTtx1 (five lysine residues and the N-terminus) were dimethylated.
;
# 
loop_
_chem_comp.id 
_chem_comp.type 
_chem_comp.mon_nstd_flag 
_chem_comp.name 
_chem_comp.pdbx_synonyms 
_chem_comp.formula 
_chem_comp.formula_weight 
ALA 'L-peptide linking' y ALANINE                ? 'C3 H7 N O2'     89.093  
ARG 'L-peptide linking' y ARGININE               ? 'C6 H15 N4 O2 1' 175.209 
ASN 'L-peptide linking' y ASPARAGINE             ? 'C4 H8 N2 O3'    132.118 
ASP 'L-peptide linking' y 'ASPARTIC ACID'        ? 'C4 H7 N O4'     133.103 
CYS 'L-peptide linking' y CYSTEINE               ? 'C3 H7 N O2 S'   121.158 
GLY 'peptide linking'   y GLYCINE                ? 'C2 H5 N O2'     75.067  
HOH non-polymer         . WATER                  ? 'H2 O'           18.015  
ILE 'L-peptide linking' y ISOLEUCINE             ? 'C6 H13 N O2'    131.173 
LAL 'L-peptide linking' n N,N-DIMETHYL-L-ALANINE ? 'C5 H11 N O2'    117.146 
LYS 'L-peptide linking' y LYSINE                 ? 'C6 H15 N2 O2 1' 147.195 
MET 'L-peptide linking' y METHIONINE             ? 'C5 H11 N O2 S'  149.211 
MLY 'L-peptide linking' n N-DIMETHYL-LYSINE      ? 'C8 H18 N2 O2'   174.241 
PHE 'L-peptide linking' y PHENYLALANINE          ? 'C9 H11 N O2'    165.189 
SER 'L-peptide linking' y SERINE                 ? 'C3 H7 N O3'     105.093 
TYR 'L-peptide linking' y TYROSINE               ? 'C9 H11 N O3'    181.189 
VAL 'L-peptide linking' y VALINE                 ? 'C5 H11 N O2'    117.146 
# 
loop_
_pdbx_poly_seq_scheme.asym_id 
_pdbx_poly_seq_scheme.entity_id 
_pdbx_poly_seq_scheme.seq_id 
_pdbx_poly_seq_scheme.mon_id 
_pdbx_poly_seq_scheme.ndb_seq_num 
_pdbx_poly_seq_scheme.pdb_seq_num 
_pdbx_poly_seq_scheme.auth_seq_num 
_pdbx_poly_seq_scheme.pdb_mon_id 
_pdbx_poly_seq_scheme.auth_mon_id 
_pdbx_poly_seq_scheme.pdb_strand_id 
_pdbx_poly_seq_scheme.pdb_ins_code 
_pdbx_poly_seq_scheme.hetero 
A 1 1  LAL 1  1  1  LAL ALA A . n 
A 1 2  ALA 2  2  2  ALA ALA A . n 
A 1 3  CYS 3  3  3  CYS CYS A . n 
A 1 4  TYR 4  4  4  TYR TYR A . n 
A 1 5  SER 5  5  5  SER SER A . n 
A 1 6  SER 6  6  6  SER SER A . n 
A 1 7  ASP 7  7  7  ASP ASP A . n 
A 1 8  CYS 8  8  8  CYS CYS A . n 
A 1 9  ARG 9  9  9  ARG ARG A . n 
A 1 10 VAL 10 10 10 VAL VAL A . n 
A 1 11 MLY 11 11 11 MLY LYS A . n 
A 1 12 CYS 12 12 12 CYS CYS A . n 
A 1 13 VAL 13 13 13 VAL VAL A . n 
A 1 14 ALA 14 14 14 ALA ALA A . n 
A 1 15 MET 15 15 15 MET MET A . n 
A 1 16 GLY 16 16 16 GLY GLY A . n 
A 1 17 PHE 17 17 17 PHE PHE A . n 
A 1 18 SER 18 18 18 SER SER A . n 
A 1 19 SER 19 19 19 SER SER A . n 
A 1 20 GLY 20 20 20 GLY GLY A . n 
A 1 21 MLY 21 21 21 MLY LYS A . n 
A 1 22 CYS 22 22 22 CYS CYS A . n 
A 1 23 ILE 23 23 23 ILE ILE A . n 
A 1 24 ASN 24 24 24 ASN ASN A . n 
A 1 25 SER 25 25 25 SER SER A . n 
A 1 26 MLY 26 26 26 MLY LYS A . n 
A 1 27 CYS 27 27 27 CYS CYS A . n 
A 1 28 MLY 28 28 28 MLY LYS A . n 
A 1 29 CYS 29 29 29 CYS CYS A . n 
A 1 30 TYR 30 30 30 TYR TYR A . n 
A 1 31 MLY 31 31 31 MLY LYS A . n 
B 1 1  LAL 1  1  1  LAL ALA B . n 
B 1 2  ALA 2  2  2  ALA ALA B . n 
B 1 3  CYS 3  3  3  CYS CYS B . n 
B 1 4  TYR 4  4  4  TYR TYR B . n 
B 1 5  SER 5  5  5  SER SER B . n 
B 1 6  SER 6  6  6  SER SER B . n 
B 1 7  ASP 7  7  7  ASP ASP B . n 
B 1 8  CYS 8  8  8  CYS CYS B . n 
B 1 9  ARG 9  9  9  ARG ARG B . n 
B 1 10 VAL 10 10 10 VAL VAL B . n 
B 1 11 MLY 11 11 11 MLY LYS B . n 
B 1 12 CYS 12 12 12 CYS CYS B . n 
B 1 13 VAL 13 13 13 VAL VAL B . n 
B 1 14 ALA 14 14 14 ALA ALA B . n 
B 1 15 MET 15 15 15 MET MET B . n 
B 1 16 GLY 16 16 16 GLY GLY B . n 
B 1 17 PHE 17 17 17 PHE PHE B . n 
B 1 18 SER 18 18 18 SER SER B . n 
B 1 19 SER 19 19 19 SER SER B . n 
B 1 20 GLY 20 20 20 GLY GLY B . n 
B 1 21 MLY 21 21 21 MLY LYS B . n 
B 1 22 CYS 22 22 22 CYS CYS B . n 
B 1 23 ILE 23 23 23 ILE ILE B . n 
B 1 24 ASN 24 24 24 ASN ASN B . n 
B 1 25 SER 25 25 25 SER SER B . n 
B 1 26 MLY 26 26 26 MLY LYS B . n 
B 1 27 CYS 27 27 27 CYS CYS B . n 
B 1 28 MLY 28 28 28 MLY LYS B . n 
B 1 29 CYS 29 29 29 CYS CYS B . n 
B 1 30 TYR 30 30 30 TYR TYR B . n 
B 1 31 MLY 31 31 31 MLY LYS B . n 
# 
loop_
_pdbx_nonpoly_scheme.asym_id 
_pdbx_nonpoly_scheme.entity_id 
_pdbx_nonpoly_scheme.mon_id 
_pdbx_nonpoly_scheme.ndb_seq_num 
_pdbx_nonpoly_scheme.pdb_seq_num 
_pdbx_nonpoly_scheme.auth_seq_num 
_pdbx_nonpoly_scheme.pdb_mon_id 
_pdbx_nonpoly_scheme.auth_mon_id 
_pdbx_nonpoly_scheme.pdb_strand_id 
_pdbx_nonpoly_scheme.pdb_ins_code 
C 2 HOH 1  32 7   HOH WAT A . 
C 2 HOH 2  33 8   HOH WAT A . 
C 2 HOH 3  34 9   HOH WAT A . 
C 2 HOH 4  35 11  HOH WAT A . 
C 2 HOH 5  36 12  HOH WAT A . 
C 2 HOH 6  37 15  HOH WAT A . 
C 2 HOH 7  38 16  HOH WAT A . 
C 2 HOH 8  39 17  HOH WAT A . 
C 2 HOH 9  40 20  HOH WAT A . 
C 2 HOH 10 41 21  HOH WAT A . 
C 2 HOH 11 42 22  HOH WAT A . 
C 2 HOH 12 43 24  HOH WAT A . 
C 2 HOH 13 44 25  HOH WAT A . 
C 2 HOH 14 45 27  HOH WAT A . 
C 2 HOH 15 46 31  HOH WAT A . 
C 2 HOH 16 47 33  HOH WAT A . 
C 2 HOH 17 48 34  HOH WAT A . 
C 2 HOH 18 49 35  HOH WAT A . 
C 2 HOH 19 50 36  HOH WAT A . 
C 2 HOH 20 51 38  HOH WAT A . 
C 2 HOH 21 52 40  HOH WAT A . 
C 2 HOH 22 53 42  HOH WAT A . 
C 2 HOH 23 54 43  HOH WAT A . 
C 2 HOH 24 55 45  HOH WAT A . 
C 2 HOH 25 56 47  HOH WAT A . 
C 2 HOH 26 57 49  HOH WAT A . 
C 2 HOH 27 58 53  HOH WAT A . 
C 2 HOH 28 59 54  HOH WAT A . 
C 2 HOH 29 60 60  HOH WAT A . 
C 2 HOH 30 61 62  HOH WAT A . 
C 2 HOH 31 62 64  HOH WAT A . 
C 2 HOH 32 63 67  HOH WAT A . 
C 2 HOH 33 64 70  HOH WAT A . 
C 2 HOH 34 65 71  HOH WAT A . 
C 2 HOH 35 66 75  HOH WAT A . 
C 2 HOH 36 67 77  HOH WAT A . 
C 2 HOH 37 68 80  HOH WAT A . 
C 2 HOH 38 69 81  HOH WAT A . 
C 2 HOH 39 70 84  HOH WAT A . 
C 2 HOH 40 71 87  HOH WAT A . 
C 2 HOH 41 72 89  HOH WAT A . 
C 2 HOH 42 73 90  HOH WAT A . 
C 2 HOH 43 74 92  HOH WAT A . 
C 2 HOH 44 75 93  HOH WAT A . 
C 2 HOH 45 76 94  HOH WAT A . 
C 2 HOH 46 77 97  HOH WAT A . 
C 2 HOH 47 78 98  HOH WAT A . 
C 2 HOH 48 79 104 HOH WAT A . 
C 2 HOH 49 80 106 HOH WAT A . 
D 2 HOH 1  32 1   HOH WAT B . 
D 2 HOH 2  33 2   HOH WAT B . 
D 2 HOH 3  34 3   HOH WAT B . 
D 2 HOH 4  35 4   HOH WAT B . 
D 2 HOH 5  36 5   HOH WAT B . 
D 2 HOH 6  37 6   HOH WAT B . 
D 2 HOH 7  38 10  HOH WAT B . 
D 2 HOH 8  39 13  HOH WAT B . 
D 2 HOH 9  40 14  HOH WAT B . 
D 2 HOH 10 41 18  HOH WAT B . 
D 2 HOH 11 42 19  HOH WAT B . 
D 2 HOH 12 43 23  HOH WAT B . 
D 2 HOH 13 44 26  HOH WAT B . 
D 2 HOH 14 45 28  HOH WAT B . 
D 2 HOH 15 46 29  HOH WAT B . 
D 2 HOH 16 47 30  HOH WAT B . 
D 2 HOH 17 48 32  HOH WAT B . 
D 2 HOH 18 49 37  HOH WAT B . 
D 2 HOH 19 50 39  HOH WAT B . 
D 2 HOH 20 51 41  HOH WAT B . 
D 2 HOH 21 52 44  HOH WAT B . 
D 2 HOH 22 53 46  HOH WAT B . 
D 2 HOH 23 54 48  HOH WAT B . 
D 2 HOH 24 55 50  HOH WAT B . 
D 2 HOH 25 56 51  HOH WAT B . 
D 2 HOH 26 57 52  HOH WAT B . 
D 2 HOH 27 58 55  HOH WAT B . 
D 2 HOH 28 59 56  HOH WAT B . 
D 2 HOH 29 60 57  HOH WAT B . 
D 2 HOH 30 61 58  HOH WAT B . 
D 2 HOH 31 62 59  HOH WAT B . 
D 2 HOH 32 63 61  HOH WAT B . 
D 2 HOH 33 64 63  HOH WAT B . 
D 2 HOH 34 65 65  HOH WAT B . 
D 2 HOH 35 66 66  HOH WAT B . 
D 2 HOH 36 67 68  HOH WAT B . 
D 2 HOH 37 68 69  HOH WAT B . 
D 2 HOH 38 69 72  HOH WAT B . 
D 2 HOH 39 70 73  HOH WAT B . 
D 2 HOH 40 71 74  HOH WAT B . 
D 2 HOH 41 72 76  HOH WAT B . 
D 2 HOH 42 73 78  HOH WAT B . 
D 2 HOH 43 74 79  HOH WAT B . 
D 2 HOH 44 75 82  HOH WAT B . 
D 2 HOH 45 76 83  HOH WAT B . 
D 2 HOH 46 77 85  HOH WAT B . 
D 2 HOH 47 78 86  HOH WAT B . 
D 2 HOH 48 79 88  HOH WAT B . 
D 2 HOH 49 80 91  HOH WAT B . 
D 2 HOH 50 81 95  HOH WAT B . 
D 2 HOH 51 82 96  HOH WAT B . 
D 2 HOH 52 83 99  HOH WAT B . 
D 2 HOH 53 84 100 HOH WAT B . 
D 2 HOH 54 85 101 HOH WAT B . 
D 2 HOH 55 86 102 HOH WAT B . 
D 2 HOH 56 87 103 HOH WAT B . 
D 2 HOH 57 88 105 HOH WAT B . 
D 2 HOH 58 89 107 HOH WAT B . 
D 2 HOH 59 90 108 HOH WAT B . 
# 
loop_
_pdbx_unobs_or_zero_occ_atoms.id 
_pdbx_unobs_or_zero_occ_atoms.PDB_model_num 
_pdbx_unobs_or_zero_occ_atoms.polymer_flag 
_pdbx_unobs_or_zero_occ_atoms.occupancy_flag 
_pdbx_unobs_or_zero_occ_atoms.auth_asym_id 
_pdbx_unobs_or_zero_occ_atoms.auth_comp_id 
_pdbx_unobs_or_zero_occ_atoms.auth_seq_id 
_pdbx_unobs_or_zero_occ_atoms.PDB_ins_code 
_pdbx_unobs_or_zero_occ_atoms.auth_atom_id 
_pdbx_unobs_or_zero_occ_atoms.label_alt_id 
_pdbx_unobs_or_zero_occ_atoms.label_asym_id 
_pdbx_unobs_or_zero_occ_atoms.label_comp_id 
_pdbx_unobs_or_zero_occ_atoms.label_seq_id 
_pdbx_unobs_or_zero_occ_atoms.label_atom_id 
1 1 Y 1 A LAL 1 ? CH1 ? A LAL 1 CH1 
2 1 Y 1 A LAL 1 ? CH2 ? A LAL 1 CH2 
3 1 Y 1 B LAL 1 ? CH1 ? B LAL 1 CH1 
4 1 Y 1 B LAL 1 ? CH2 ? B LAL 1 CH2 
# 
loop_
_software.name 
_software.classification 
_software.version 
_software.citation_id 
_software.pdbx_ordinal 
CNS      refinement        1.0 ? 1 
MAR345   'data collection' .   ? 2 
HKL-2000 'data scaling'    .   ? 3 
XPREP    'data reduction'  .   ? 4 
SHELXD   phasing           .   ? 5 
SHARP    phasing           .   ? 6 
DM       phasing           .   ? 7 
# 
_cell.entry_id           1R1G 
_cell.length_a           21.397 
_cell.length_b           39.695 
_cell.length_c           29.368 
_cell.angle_alpha        90.00 
_cell.angle_beta         94.13 
_cell.angle_gamma        90.00 
_cell.Z_PDB              4 
_cell.pdbx_unique_axis   ? 
# 
_symmetry.entry_id                         1R1G 
_symmetry.space_group_name_H-M             'P 1 21 1' 
_symmetry.pdbx_full_space_group_name_H-M   ? 
_symmetry.cell_setting                     ? 
_symmetry.Int_Tables_number                4 
# 
_exptl.entry_id          1R1G 
_exptl.method            'X-RAY DIFFRACTION' 
_exptl.crystals_number   1 
# 
_exptl_crystal.id                    1 
_exptl_crystal.density_meas          ? 
_exptl_crystal.density_Matthews      1.77 
_exptl_crystal.density_percent_sol   30.56 
_exptl_crystal.description           ? 
# 
_exptl_crystal_grow.crystal_id      1 
_exptl_crystal_grow.method          'VAPOR DIFFUSION, HANGING DROP' 
_exptl_crystal_grow.temp            293.0 
_exptl_crystal_grow.temp_details    ? 
_exptl_crystal_grow.pH              ? 
_exptl_crystal_grow.pdbx_details    'Sodium Formate, VAPOR DIFFUSION, HANGING DROP, temperature 293.0K' 
_exptl_crystal_grow.pdbx_pH_range   ? 
# 
_diffrn.id                     1 
_diffrn.ambient_temp           100.0 
_diffrn.ambient_temp_details   ? 
_diffrn.crystal_id             1 
# 
_diffrn_detector.diffrn_id              1 
_diffrn_detector.detector               'IMAGE PLATE' 
_diffrn_detector.type                   MARRESEARCH 
_diffrn_detector.pdbx_collection_date   2003-08-15 
_diffrn_detector.details                'Osmic mirrors' 
# 
_diffrn_radiation.diffrn_id                        1 
_diffrn_radiation.wavelength_id                    1 
_diffrn_radiation.pdbx_monochromatic_or_laue_m_l   M 
_diffrn_radiation.monochromator                    ? 
_diffrn_radiation.pdbx_diffrn_protocol             'SINGLE WAVELENGTH' 
_diffrn_radiation.pdbx_scattering_type             x-ray 
# 
_diffrn_radiation_wavelength.id           1 
_diffrn_radiation_wavelength.wavelength   1.5478 
_diffrn_radiation_wavelength.wt           1.0 
# 
_diffrn_source.diffrn_id                   1 
_diffrn_source.source                      'ROTATING ANODE' 
_diffrn_source.type                        'RIGAKU RU200' 
_diffrn_source.pdbx_synchrotron_site       ? 
_diffrn_source.pdbx_synchrotron_beamline   ? 
_diffrn_source.pdbx_wavelength             ? 
_diffrn_source.pdbx_wavelength_list        1.5478 
# 
_reflns.entry_id                     1R1G 
_reflns.observed_criterion_sigma_I   1 
_reflns.observed_criterion_sigma_F   ? 
_reflns.d_resolution_low             30.0 
_reflns.d_resolution_high            1.72 
_reflns.number_obs                   5028 
_reflns.number_all                   5064 
_reflns.percent_possible_obs         95.4 
_reflns.pdbx_Rmerge_I_obs            0.036 
_reflns.pdbx_Rsym_value              0.036 
_reflns.pdbx_netI_over_sigmaI        65.5 
_reflns.B_iso_Wilson_estimate        14.3 
_reflns.pdbx_redundancy              12.6 
_reflns.R_free_details               ? 
_reflns.limit_h_max                  ? 
_reflns.limit_h_min                  ? 
_reflns.limit_k_max                  ? 
_reflns.limit_k_min                  ? 
_reflns.limit_l_max                  ? 
_reflns.limit_l_min                  ? 
_reflns.observed_criterion_F_max     ? 
_reflns.observed_criterion_F_min     ? 
_reflns.pdbx_diffrn_id               1 
_reflns.pdbx_ordinal                 1 
# 
_reflns_shell.d_res_high             1.72 
_reflns_shell.d_res_low              1.78 
_reflns_shell.percent_possible_all   91.6 
_reflns_shell.Rmerge_I_obs           0.089 
_reflns_shell.pdbx_Rsym_value        0.089 
_reflns_shell.meanI_over_sigI_obs    19.0 
_reflns_shell.pdbx_redundancy        12.3 
_reflns_shell.percent_possible_obs   ? 
_reflns_shell.number_unique_all      491 
_reflns_shell.pdbx_diffrn_id         ? 
_reflns_shell.pdbx_ordinal           1 
# 
_refine.entry_id                                 1R1G 
_refine.ls_number_reflns_obs                     5028 
_refine.ls_number_reflns_all                     5028 
_refine.pdbx_ls_sigma_I                          ? 
_refine.pdbx_ls_sigma_F                          0.0 
_refine.pdbx_data_cutoff_high_absF               ? 
_refine.pdbx_data_cutoff_low_absF                ? 
_refine.pdbx_data_cutoff_high_rms_absF           ? 
_refine.ls_d_res_low                             14.65 
_refine.ls_d_res_high                            1.72 
_refine.ls_percent_reflns_obs                    95.2 
_refine.ls_R_factor_obs                          ? 
_refine.ls_R_factor_all                          ? 
_refine.ls_R_factor_R_work                       0.166 
_refine.ls_R_factor_R_free                       0.224 
_refine.ls_R_factor_R_free_error                 0.014 
_refine.ls_R_factor_R_free_error_details         ? 
_refine.ls_percent_reflns_R_free                 5.4 
_refine.ls_number_reflns_R_free                  272 
_refine.ls_number_parameters                     ? 
_refine.ls_number_restraints                     ? 
_refine.occupancy_min                            ? 
_refine.occupancy_max                            ? 
_refine.correlation_coeff_Fo_to_Fc               ? 
_refine.correlation_coeff_Fo_to_Fc_free          ? 
_refine.B_iso_mean                               17.4 
_refine.aniso_B[1][1]                            1.94 
_refine.aniso_B[2][2]                            -1.59 
_refine.aniso_B[3][3]                            -0.35 
_refine.aniso_B[1][2]                            0.00 
_refine.aniso_B[1][3]                            -1.33 
_refine.aniso_B[2][3]                            0.00 
_refine.solvent_model_details                    'FLAT MODEL' 
_refine.solvent_model_param_ksol                 0.428433 
_refine.solvent_model_param_bsol                 77.9579 
_refine.pdbx_solvent_vdw_probe_radii             ? 
_refine.pdbx_solvent_ion_probe_radii             ? 
_refine.pdbx_solvent_shrinkage_radii             ? 
_refine.pdbx_ls_cross_valid_method               THROUGHOUT 
_refine.details                                  ? 
_refine.pdbx_starting_model                      ? 
_refine.pdbx_method_to_determine_struct          SIRAS 
_refine.pdbx_isotropic_thermal_model             RESTRAINED 
_refine.pdbx_stereochemistry_target_values       ? 
_refine.pdbx_stereochem_target_val_spec_case     ? 
_refine.pdbx_R_Free_selection_details            RANDOM 
_refine.pdbx_overall_ESU_R                       ? 
_refine.pdbx_overall_ESU_R_Free                  ? 
_refine.overall_SU_ML                            ? 
_refine.overall_SU_B                             ? 
_refine.ls_redundancy_reflns_obs                 ? 
_refine.B_iso_min                                ? 
_refine.B_iso_max                                ? 
_refine.overall_SU_R_Cruickshank_DPI             ? 
_refine.overall_SU_R_free                        ? 
_refine.pdbx_refine_id                           'X-RAY DIFFRACTION' 
_refine.pdbx_diffrn_id                           1 
_refine.pdbx_TLS_residual_ADP_flag               ? 
_refine.pdbx_overall_phase_error                 ? 
_refine.pdbx_overall_SU_R_free_Cruickshank_DPI   ? 
_refine.pdbx_overall_SU_R_Blow_DPI               ? 
_refine.pdbx_overall_SU_R_free_Blow_DPI          ? 
# 
_refine_analyze.entry_id                        1R1G 
_refine_analyze.Luzzati_coordinate_error_obs    0.16 
_refine_analyze.Luzzati_sigma_a_obs             0.07 
_refine_analyze.Luzzati_d_res_low_obs           5.00 
_refine_analyze.Luzzati_coordinate_error_free   0.22 
_refine_analyze.Luzzati_sigma_a_free            0.04 
_refine_analyze.Luzzati_d_res_low_free          ? 
_refine_analyze.number_disordered_residues      ? 
_refine_analyze.occupancy_sum_hydrogen          ? 
_refine_analyze.occupancy_sum_non_hydrogen      ? 
_refine_analyze.pdbx_Luzzati_d_res_high_obs     ? 
_refine_analyze.pdbx_refine_id                  'X-RAY DIFFRACTION' 
# 
_refine_hist.pdbx_refine_id                   'X-RAY DIFFRACTION' 
_refine_hist.cycle_id                         LAST 
_refine_hist.pdbx_number_atoms_protein        480 
_refine_hist.pdbx_number_atoms_nucleic_acid   0 
_refine_hist.pdbx_number_atoms_ligand         0 
_refine_hist.number_atoms_solvent             108 
_refine_hist.number_atoms_total               588 
_refine_hist.d_res_high                       1.72 
_refine_hist.d_res_low                        14.65 
# 
loop_
_refine_ls_restr.type 
_refine_ls_restr.dev_ideal 
_refine_ls_restr.dev_ideal_target 
_refine_ls_restr.weight 
_refine_ls_restr.number 
_refine_ls_restr.pdbx_refine_id 
_refine_ls_restr.pdbx_restraint_function 
c_bond_d           0.006 ?    ? ? 'X-RAY DIFFRACTION' ? 
c_angle_deg        1.5   ?    ? ? 'X-RAY DIFFRACTION' ? 
c_dihedral_angle_d 23.0  ?    ? ? 'X-RAY DIFFRACTION' ? 
c_improper_angle_d 0.68  ?    ? ? 'X-RAY DIFFRACTION' ? 
c_mcbond_it        0.72  1.50 ? ? 'X-RAY DIFFRACTION' ? 
c_mcangle_it       1.16  2.00 ? ? 'X-RAY DIFFRACTION' ? 
c_scbond_it        1.59  2.00 ? ? 'X-RAY DIFFRACTION' ? 
c_scangle_it       2.49  2.50 ? ? 'X-RAY DIFFRACTION' ? 
# 
_refine_ls_shell.pdbx_total_number_of_bins_used   6 
_refine_ls_shell.d_res_high                       1.72 
_refine_ls_shell.d_res_low                        1.83 
_refine_ls_shell.number_reflns_R_work             765 
_refine_ls_shell.R_factor_R_work                  0.181 
_refine_ls_shell.percent_reflns_obs               91.8 
_refine_ls_shell.R_factor_R_free                  0.217 
_refine_ls_shell.R_factor_R_free_error            0.032 
_refine_ls_shell.percent_reflns_R_free            5.6 
_refine_ls_shell.number_reflns_R_free             45 
_refine_ls_shell.number_reflns_obs                804 
_refine_ls_shell.redundancy_reflns_obs            ? 
_refine_ls_shell.number_reflns_all                ? 
_refine_ls_shell.pdbx_refine_id                   'X-RAY DIFFRACTION' 
_refine_ls_shell.R_factor_all                     ? 
# 
loop_
_pdbx_xplor_file.serial_no 
_pdbx_xplor_file.param_file 
_pdbx_xplor_file.topol_file 
_pdbx_xplor_file.pdbx_refine_id 
1 PROTEIN_REP.PARAM PROTEIN.TOP 'X-RAY DIFFRACTION' 
2 WATER_REP.PARAM   WATER.TOP   'X-RAY DIFFRACTION' 
# 
_struct.entry_id                  1R1G 
_struct.title                     'Crystal Structure of the Scorpion Toxin BmBKTtx1' 
_struct.pdbx_model_details        ? 
_struct.pdbx_CASP_flag            ? 
_struct.pdbx_model_type_details   ? 
# 
_struct_keywords.entry_id        1R1G 
_struct_keywords.pdbx_keywords   TOXIN 
_struct_keywords.text            'SIRAS from S atoms, scorpion toxin, BmBKTtx1, reductive dimethylation, TOXIN' 
# 
loop_
_struct_asym.id 
_struct_asym.pdbx_blank_PDB_chainid_flag 
_struct_asym.pdbx_modified 
_struct_asym.entity_id 
_struct_asym.details 
A N N 1 ? 
B N N 1 ? 
C N N 2 ? 
D N N 2 ? 
# 
_struct_ref.id                         1 
_struct_ref.db_name                    UNP 
_struct_ref.db_code                    SCBX_MESMA 
_struct_ref.pdbx_db_accession          P83407 
_struct_ref.entity_id                  1 
_struct_ref.pdbx_seq_one_letter_code   AACYSSDCRVKCVAMGFSSGKCINSKCKCYK 
_struct_ref.pdbx_align_begin           1 
_struct_ref.pdbx_db_isoform            ? 
# 
loop_
_struct_ref_seq.align_id 
_struct_ref_seq.ref_id 
_struct_ref_seq.pdbx_PDB_id_code 
_struct_ref_seq.pdbx_strand_id 
_struct_ref_seq.seq_align_beg 
_struct_ref_seq.pdbx_seq_align_beg_ins_code 
_struct_ref_seq.seq_align_end 
_struct_ref_seq.pdbx_seq_align_end_ins_code 
_struct_ref_seq.pdbx_db_accession 
_struct_ref_seq.db_align_beg 
_struct_ref_seq.pdbx_db_align_beg_ins_code 
_struct_ref_seq.db_align_end 
_struct_ref_seq.pdbx_db_align_end_ins_code 
_struct_ref_seq.pdbx_auth_seq_align_beg 
_struct_ref_seq.pdbx_auth_seq_align_end 
1 1 1R1G A 1 ? 31 ? P83407 1 ? 31 ? 1 31 
2 1 1R1G B 1 ? 31 ? P83407 1 ? 31 ? 1 31 
# 
loop_
_struct_ref_seq_dif.align_id 
_struct_ref_seq_dif.pdbx_pdb_id_code 
_struct_ref_seq_dif.mon_id 
_struct_ref_seq_dif.pdbx_pdb_strand_id 
_struct_ref_seq_dif.seq_num 
_struct_ref_seq_dif.pdbx_pdb_ins_code 
_struct_ref_seq_dif.pdbx_seq_db_name 
_struct_ref_seq_dif.pdbx_seq_db_accession_code 
_struct_ref_seq_dif.db_mon_id 
_struct_ref_seq_dif.pdbx_seq_db_seq_num 
_struct_ref_seq_dif.details 
_struct_ref_seq_dif.pdbx_auth_seq_num 
_struct_ref_seq_dif.pdbx_ordinal 
1 1R1G LAL A 1  ? UNP P83407 ALA 1  'SEE REMARK 999' 1  1  
1 1R1G MLY A 11 ? UNP P83407 LYS 11 'SEE REMARK 999' 11 2  
1 1R1G MLY A 21 ? UNP P83407 LYS 21 'SEE REMARK 999' 21 3  
1 1R1G MLY A 26 ? UNP P83407 LYS 26 'SEE REMARK 999' 26 4  
1 1R1G MLY A 28 ? UNP P83407 LYS 28 'SEE REMARK 999' 28 5  
1 1R1G MLY A 31 ? UNP P83407 LYS 31 'SEE REMARK 999' 31 6  
2 1R1G LAL B 1  ? UNP P83407 ALA 1  'SEE REMARK 999' 1  7  
2 1R1G MLY B 11 ? UNP P83407 LYS 11 'SEE REMARK 999' 11 8  
2 1R1G MLY B 21 ? UNP P83407 LYS 21 'SEE REMARK 999' 21 9  
2 1R1G MLY B 26 ? UNP P83407 LYS 26 'SEE REMARK 999' 26 10 
2 1R1G MLY B 28 ? UNP P83407 LYS 28 'SEE REMARK 999' 28 11 
2 1R1G MLY B 31 ? UNP P83407 LYS 31 'SEE REMARK 999' 31 12 
# 
loop_
_pdbx_struct_assembly.id 
_pdbx_struct_assembly.details 
_pdbx_struct_assembly.method_details 
_pdbx_struct_assembly.oligomeric_details 
_pdbx_struct_assembly.oligomeric_count 
1 author_defined_assembly ? monomeric 1 
2 author_defined_assembly ? monomeric 1 
# 
loop_
_pdbx_struct_assembly_gen.assembly_id 
_pdbx_struct_assembly_gen.oper_expression 
_pdbx_struct_assembly_gen.asym_id_list 
1 1 A,C 
2 1 B,D 
# 
_pdbx_struct_oper_list.id                   1 
_pdbx_struct_oper_list.type                 'identity operation' 
_pdbx_struct_oper_list.name                 1_555 
_pdbx_struct_oper_list.symmetry_operation   x,y,z 
_pdbx_struct_oper_list.matrix[1][1]         1.0000000000 
_pdbx_struct_oper_list.matrix[1][2]         0.0000000000 
_pdbx_struct_oper_list.matrix[1][3]         0.0000000000 
_pdbx_struct_oper_list.vector[1]            0.0000000000 
_pdbx_struct_oper_list.matrix[2][1]         0.0000000000 
_pdbx_struct_oper_list.matrix[2][2]         1.0000000000 
_pdbx_struct_oper_list.matrix[2][3]         0.0000000000 
_pdbx_struct_oper_list.vector[2]            0.0000000000 
_pdbx_struct_oper_list.matrix[3][1]         0.0000000000 
_pdbx_struct_oper_list.matrix[3][2]         0.0000000000 
_pdbx_struct_oper_list.matrix[3][3]         1.0000000000 
_pdbx_struct_oper_list.vector[3]            0.0000000000 
# 
loop_
_struct_biol.id 
_struct_biol.details 
_struct_biol.pdbx_parent_biol_id 
1 'Biologically active form of BmBKTx1 is a monomer.' ? 
2 ?                                                   ? 
# 
loop_
_struct_conf.conf_type_id 
_struct_conf.id 
_struct_conf.pdbx_PDB_helix_id 
_struct_conf.beg_label_comp_id 
_struct_conf.beg_label_asym_id 
_struct_conf.beg_label_seq_id 
_struct_conf.pdbx_beg_PDB_ins_code 
_struct_conf.end_label_comp_id 
_struct_conf.end_label_asym_id 
_struct_conf.end_label_seq_id 
_struct_conf.pdbx_end_PDB_ins_code 
_struct_conf.beg_auth_comp_id 
_struct_conf.beg_auth_asym_id 
_struct_conf.beg_auth_seq_id 
_struct_conf.end_auth_comp_id 
_struct_conf.end_auth_asym_id 
_struct_conf.end_auth_seq_id 
_struct_conf.pdbx_PDB_helix_class 
_struct_conf.details 
_struct_conf.pdbx_PDB_helix_length 
HELX_P HELX_P1 1 TYR A 4 ? MET A 15 ? TYR A 4 MET A 15 1 ? 12 
HELX_P HELX_P2 2 TYR B 4 ? MET B 15 ? TYR B 4 MET B 15 1 ? 12 
# 
_struct_conf_type.id          HELX_P 
_struct_conf_type.criteria    ? 
_struct_conf_type.reference   ? 
# 
loop_
_struct_conn.id 
_struct_conn.conn_type_id 
_struct_conn.pdbx_leaving_atom_flag 
_struct_conn.pdbx_PDB_id 
_struct_conn.ptnr1_label_asym_id 
_struct_conn.ptnr1_label_comp_id 
_struct_conn.ptnr1_label_seq_id 
_struct_conn.ptnr1_label_atom_id 
_struct_conn.pdbx_ptnr1_label_alt_id 
_struct_conn.pdbx_ptnr1_PDB_ins_code 
_struct_conn.pdbx_ptnr1_standard_comp_id 
_struct_conn.ptnr1_symmetry 
_struct_conn.ptnr2_label_asym_id 
_struct_conn.ptnr2_label_comp_id 
_struct_conn.ptnr2_label_seq_id 
_struct_conn.ptnr2_label_atom_id 
_struct_conn.pdbx_ptnr2_label_alt_id 
_struct_conn.pdbx_ptnr2_PDB_ins_code 
_struct_conn.ptnr1_auth_asym_id 
_struct_conn.ptnr1_auth_comp_id 
_struct_conn.ptnr1_auth_seq_id 
_struct_conn.ptnr2_auth_asym_id 
_struct_conn.ptnr2_auth_comp_id 
_struct_conn.ptnr2_auth_seq_id 
_struct_conn.ptnr2_symmetry 
_struct_conn.pdbx_ptnr3_label_atom_id 
_struct_conn.pdbx_ptnr3_label_seq_id 
_struct_conn.pdbx_ptnr3_label_comp_id 
_struct_conn.pdbx_ptnr3_label_asym_id 
_struct_conn.pdbx_ptnr3_label_alt_id 
_struct_conn.pdbx_ptnr3_PDB_ins_code 
_struct_conn.details 
_struct_conn.pdbx_dist_value 
_struct_conn.pdbx_value_order 
_struct_conn.pdbx_role 
disulf1  disulf ?    ? A CYS 3  SG ? ? ? 1_555 A CYS 22 SG ? ? A CYS 3  A CYS 22 1_555 ? ? ? ? ? ? ? 2.029 ? ? 
disulf2  disulf ?    ? A CYS 8  SG ? ? ? 1_555 A CYS 27 SG ? ? A CYS 8  A CYS 27 1_555 ? ? ? ? ? ? ? 2.030 ? ? 
disulf3  disulf ?    ? A CYS 12 SG ? ? ? 1_555 A CYS 29 SG ? ? A CYS 12 A CYS 29 1_555 ? ? ? ? ? ? ? 2.036 ? ? 
disulf4  disulf ?    ? B CYS 3  SG ? ? ? 1_555 B CYS 22 SG ? ? B CYS 3  B CYS 22 1_555 ? ? ? ? ? ? ? 2.029 ? ? 
disulf5  disulf ?    ? B CYS 8  SG ? ? ? 1_555 B CYS 27 SG ? ? B CYS 8  B CYS 27 1_555 ? ? ? ? ? ? ? 2.023 ? ? 
disulf6  disulf ?    ? B CYS 12 SG ? ? ? 1_555 B CYS 29 SG ? ? B CYS 12 B CYS 29 1_555 ? ? ? ? ? ? ? 2.028 ? ? 
covale1  covale both ? A LAL 1  C  ? ? ? 1_555 A ALA 2  N  ? ? A LAL 1  A ALA 2  1_555 ? ? ? ? ? ? ? 1.329 ? ? 
covale2  covale both ? A VAL 10 C  ? ? ? 1_555 A MLY 11 N  ? ? A VAL 10 A MLY 11 1_555 ? ? ? ? ? ? ? 1.333 ? ? 
covale3  covale both ? A MLY 11 C  ? ? ? 1_555 A CYS 12 N  ? ? A MLY 11 A CYS 12 1_555 ? ? ? ? ? ? ? 1.328 ? ? 
covale4  covale both ? A GLY 20 C  ? ? ? 1_555 A MLY 21 N  ? ? A GLY 20 A MLY 21 1_555 ? ? ? ? ? ? ? 1.328 ? ? 
covale5  covale both ? A MLY 21 C  ? ? ? 1_555 A CYS 22 N  ? ? A MLY 21 A CYS 22 1_555 ? ? ? ? ? ? ? 1.328 ? ? 
covale6  covale both ? A SER 25 C  ? ? ? 1_555 A MLY 26 N  ? ? A SER 25 A MLY 26 1_555 ? ? ? ? ? ? ? 1.331 ? ? 
covale7  covale both ? A MLY 26 C  ? ? ? 1_555 A CYS 27 N  ? ? A MLY 26 A CYS 27 1_555 ? ? ? ? ? ? ? 1.327 ? ? 
covale8  covale both ? A CYS 27 C  ? ? ? 1_555 A MLY 28 N  ? ? A CYS 27 A MLY 28 1_555 ? ? ? ? ? ? ? 1.329 ? ? 
covale9  covale both ? A MLY 28 C  ? ? ? 1_555 A CYS 29 N  ? ? A MLY 28 A CYS 29 1_555 ? ? ? ? ? ? ? 1.328 ? ? 
covale10 covale both ? A TYR 30 C  ? ? ? 1_555 A MLY 31 N  ? ? A TYR 30 A MLY 31 1_555 ? ? ? ? ? ? ? 1.330 ? ? 
covale11 covale both ? B LAL 1  C  ? ? ? 1_555 B ALA 2  N  ? ? B LAL 1  B ALA 2  1_555 ? ? ? ? ? ? ? 1.330 ? ? 
covale12 covale both ? B VAL 10 C  ? ? ? 1_555 B MLY 11 N  ? ? B VAL 10 B MLY 11 1_555 ? ? ? ? ? ? ? 1.331 ? ? 
covale13 covale both ? B MLY 11 C  ? ? ? 1_555 B CYS 12 N  ? ? B MLY 11 B CYS 12 1_555 ? ? ? ? ? ? ? 1.325 ? ? 
covale14 covale both ? B GLY 20 C  ? ? ? 1_555 B MLY 21 N  ? ? B GLY 20 B MLY 21 1_555 ? ? ? ? ? ? ? 1.328 ? ? 
covale15 covale both ? B MLY 21 C  ? ? ? 1_555 B CYS 22 N  ? ? B MLY 21 B CYS 22 1_555 ? ? ? ? ? ? ? 1.330 ? ? 
covale16 covale both ? B SER 25 C  ? ? ? 1_555 B MLY 26 N  ? ? B SER 25 B MLY 26 1_555 ? ? ? ? ? ? ? 1.328 ? ? 
covale17 covale both ? B MLY 26 C  ? ? ? 1_555 B CYS 27 N  ? ? B MLY 26 B CYS 27 1_555 ? ? ? ? ? ? ? 1.324 ? ? 
covale18 covale both ? B CYS 27 C  ? ? ? 1_555 B MLY 28 N  ? ? B CYS 27 B MLY 28 1_555 ? ? ? ? ? ? ? 1.332 ? ? 
covale19 covale both ? B MLY 28 C  ? ? ? 1_555 B CYS 29 N  ? ? B MLY 28 B CYS 29 1_555 ? ? ? ? ? ? ? 1.328 ? ? 
covale20 covale both ? B TYR 30 C  ? ? ? 1_555 B MLY 31 N  ? ? B TYR 30 B MLY 31 1_555 ? ? ? ? ? ? ? 1.333 ? ? 
# 
loop_
_struct_conn_type.id 
_struct_conn_type.criteria 
_struct_conn_type.reference 
disulf ? ? 
covale ? ? 
# 
loop_
_pdbx_modification_feature.ordinal 
_pdbx_modification_feature.label_comp_id 
_pdbx_modification_feature.label_asym_id 
_pdbx_modification_feature.label_seq_id 
_pdbx_modification_feature.label_alt_id 
_pdbx_modification_feature.modified_residue_label_comp_id 
_pdbx_modification_feature.modified_residue_label_asym_id 
_pdbx_modification_feature.modified_residue_label_seq_id 
_pdbx_modification_feature.modified_residue_label_alt_id 
_pdbx_modification_feature.auth_comp_id 
_pdbx_modification_feature.auth_asym_id 
_pdbx_modification_feature.auth_seq_id 
_pdbx_modification_feature.PDB_ins_code 
_pdbx_modification_feature.symmetry 
_pdbx_modification_feature.modified_residue_auth_comp_id 
_pdbx_modification_feature.modified_residue_auth_asym_id 
_pdbx_modification_feature.modified_residue_auth_seq_id 
_pdbx_modification_feature.modified_residue_PDB_ins_code 
_pdbx_modification_feature.modified_residue_symmetry 
_pdbx_modification_feature.comp_id_linking_atom 
_pdbx_modification_feature.modified_residue_id_linking_atom 
_pdbx_modification_feature.modified_residue_id 
_pdbx_modification_feature.ref_pcm_id 
_pdbx_modification_feature.ref_comp_id 
_pdbx_modification_feature.type 
_pdbx_modification_feature.category 
1  LAL A 1  ? .   . .  . LAL A 1  ? 1_555 .   . .  . .     .  .  ALA 1 LAL Methylation 'Named protein modification' 
2  MLY A 11 ? .   . .  . MLY A 11 ? 1_555 .   . .  . .     .  .  LYS 1 MLY Methylation 'Named protein modification' 
3  MLY A 21 ? .   . .  . MLY A 21 ? 1_555 .   . .  . .     .  .  LYS 1 MLY Methylation 'Named protein modification' 
4  MLY A 26 ? .   . .  . MLY A 26 ? 1_555 .   . .  . .     .  .  LYS 1 MLY Methylation 'Named protein modification' 
5  MLY A 28 ? .   . .  . MLY A 28 ? 1_555 .   . .  . .     .  .  LYS 1 MLY Methylation 'Named protein modification' 
6  MLY A 31 ? .   . .  . MLY A 31 ? 1_555 .   . .  . .     .  .  LYS 1 MLY Methylation 'Named protein modification' 
7  LAL B 1  ? .   . .  . LAL B 1  ? 1_555 .   . .  . .     .  .  ALA 1 LAL Methylation 'Named protein modification' 
8  MLY B 11 ? .   . .  . MLY B 11 ? 1_555 .   . .  . .     .  .  LYS 1 MLY Methylation 'Named protein modification' 
9  MLY B 21 ? .   . .  . MLY B 21 ? 1_555 .   . .  . .     .  .  LYS 1 MLY Methylation 'Named protein modification' 
10 MLY B 26 ? .   . .  . MLY B 26 ? 1_555 .   . .  . .     .  .  LYS 1 MLY Methylation 'Named protein modification' 
11 MLY B 28 ? .   . .  . MLY B 28 ? 1_555 .   . .  . .     .  .  LYS 1 MLY Methylation 'Named protein modification' 
12 MLY B 31 ? .   . .  . MLY B 31 ? 1_555 .   . .  . .     .  .  LYS 1 MLY Methylation 'Named protein modification' 
13 CYS A 3  ? CYS A 22 ? CYS A 3  ? 1_555 CYS A 22 ? 1_555 SG SG .   . .   None        'Disulfide bridge'           
14 CYS A 8  ? CYS A 27 ? CYS A 8  ? 1_555 CYS A 27 ? 1_555 SG SG .   . .   None        'Disulfide bridge'           
15 CYS A 12 ? CYS A 29 ? CYS A 12 ? 1_555 CYS A 29 ? 1_555 SG SG .   . .   None        'Disulfide bridge'           
16 CYS B 3  ? CYS B 22 ? CYS B 3  ? 1_555 CYS B 22 ? 1_555 SG SG .   . .   None        'Disulfide bridge'           
17 CYS B 8  ? CYS B 27 ? CYS B 8  ? 1_555 CYS B 27 ? 1_555 SG SG .   . .   None        'Disulfide bridge'           
18 CYS B 12 ? CYS B 29 ? CYS B 12 ? 1_555 CYS B 29 ? 1_555 SG SG .   . .   None        'Disulfide bridge'           
# 
loop_
_struct_sheet.id 
_struct_sheet.type 
_struct_sheet.number_strands 
_struct_sheet.details 
A ? 2 ? 
B ? 2 ? 
# 
loop_
_struct_sheet_order.sheet_id 
_struct_sheet_order.range_id_1 
_struct_sheet_order.range_id_2 
_struct_sheet_order.offset 
_struct_sheet_order.sense 
A 1 2 ? anti-parallel 
B 1 2 ? anti-parallel 
# 
loop_
_struct_sheet_range.sheet_id 
_struct_sheet_range.id 
_struct_sheet_range.beg_label_comp_id 
_struct_sheet_range.beg_label_asym_id 
_struct_sheet_range.beg_label_seq_id 
_struct_sheet_range.pdbx_beg_PDB_ins_code 
_struct_sheet_range.end_label_comp_id 
_struct_sheet_range.end_label_asym_id 
_struct_sheet_range.end_label_seq_id 
_struct_sheet_range.pdbx_end_PDB_ins_code 
_struct_sheet_range.beg_auth_comp_id 
_struct_sheet_range.beg_auth_asym_id 
_struct_sheet_range.beg_auth_seq_id 
_struct_sheet_range.end_auth_comp_id 
_struct_sheet_range.end_auth_asym_id 
_struct_sheet_range.end_auth_seq_id 
A 1 SER A 19 ? ILE A 23 ? SER A 19 ILE A 23 
A 2 MLY A 26 ? TYR A 30 ? MLY A 26 TYR A 30 
B 1 SER B 19 ? ILE B 23 ? SER B 19 ILE B 23 
B 2 MLY B 26 ? TYR B 30 ? MLY B 26 TYR B 30 
# 
loop_
_pdbx_struct_sheet_hbond.sheet_id 
_pdbx_struct_sheet_hbond.range_id_1 
_pdbx_struct_sheet_hbond.range_id_2 
_pdbx_struct_sheet_hbond.range_1_label_atom_id 
_pdbx_struct_sheet_hbond.range_1_label_comp_id 
_pdbx_struct_sheet_hbond.range_1_label_asym_id 
_pdbx_struct_sheet_hbond.range_1_label_seq_id 
_pdbx_struct_sheet_hbond.range_1_PDB_ins_code 
_pdbx_struct_sheet_hbond.range_1_auth_atom_id 
_pdbx_struct_sheet_hbond.range_1_auth_comp_id 
_pdbx_struct_sheet_hbond.range_1_auth_asym_id 
_pdbx_struct_sheet_hbond.range_1_auth_seq_id 
_pdbx_struct_sheet_hbond.range_2_label_atom_id 
_pdbx_struct_sheet_hbond.range_2_label_comp_id 
_pdbx_struct_sheet_hbond.range_2_label_asym_id 
_pdbx_struct_sheet_hbond.range_2_label_seq_id 
_pdbx_struct_sheet_hbond.range_2_PDB_ins_code 
_pdbx_struct_sheet_hbond.range_2_auth_atom_id 
_pdbx_struct_sheet_hbond.range_2_auth_comp_id 
_pdbx_struct_sheet_hbond.range_2_auth_asym_id 
_pdbx_struct_sheet_hbond.range_2_auth_seq_id 
A 1 2 N MLY A 21 ? N MLY A 21 O MLY A 28 ? O MLY A 28 
B 1 2 N ILE B 23 ? N ILE B 23 O MLY B 26 ? O MLY B 26 
# 
_pdbx_entry_details.entry_id                   1R1G 
_pdbx_entry_details.compound_details           ? 
_pdbx_entry_details.source_details             ? 
_pdbx_entry_details.nonpolymer_details         ? 
_pdbx_entry_details.sequence_details           ? 
_pdbx_entry_details.has_ligand_of_interest     ? 
_pdbx_entry_details.has_protein_modification   Y 
# 
loop_
_pdbx_struct_mod_residue.id 
_pdbx_struct_mod_residue.label_asym_id 
_pdbx_struct_mod_residue.label_comp_id 
_pdbx_struct_mod_residue.label_seq_id 
_pdbx_struct_mod_residue.auth_asym_id 
_pdbx_struct_mod_residue.auth_comp_id 
_pdbx_struct_mod_residue.auth_seq_id 
_pdbx_struct_mod_residue.PDB_ins_code 
_pdbx_struct_mod_residue.parent_comp_id 
_pdbx_struct_mod_residue.details 
1  A LAL 1  A LAL 1  ? ALA N,N-DIMETHYL-L-ALANINE 
2  A MLY 11 A MLY 11 ? LYS N-DIMETHYL-LYSINE      
3  A MLY 21 A MLY 21 ? LYS N-DIMETHYL-LYSINE      
4  A MLY 26 A MLY 26 ? LYS N-DIMETHYL-LYSINE      
5  A MLY 28 A MLY 28 ? LYS N-DIMETHYL-LYSINE      
6  A MLY 31 A MLY 31 ? LYS N-DIMETHYL-LYSINE      
7  B LAL 1  B LAL 1  ? ALA N,N-DIMETHYL-L-ALANINE 
8  B MLY 11 B MLY 11 ? LYS N-DIMETHYL-LYSINE      
9  B MLY 21 B MLY 21 ? LYS N-DIMETHYL-LYSINE      
10 B MLY 26 B MLY 26 ? LYS N-DIMETHYL-LYSINE      
11 B MLY 28 B MLY 28 ? LYS N-DIMETHYL-LYSINE      
12 B MLY 31 B MLY 31 ? LYS N-DIMETHYL-LYSINE      
# 
_pdbx_database_remark.id     999 
_pdbx_database_remark.text   
;SEQUENCE
ALL PRIMARY AMINO GROUPS (FIVE LYSINE RESIDUES            
AND THE N-TERMINUS) WERE DIMETHYLATED.
DENSITY WAS NOT SUFFICIENT TO MODEL THE METHYL 
GROUPS FOR THE N-TERMINUS. 
;
# 
loop_
_chem_comp_atom.comp_id 
_chem_comp_atom.atom_id 
_chem_comp_atom.type_symbol 
_chem_comp_atom.pdbx_aromatic_flag 
_chem_comp_atom.pdbx_stereo_config 
_chem_comp_atom.pdbx_ordinal 
ALA N    N N N 1   
ALA CA   C N S 2   
ALA C    C N N 3   
ALA O    O N N 4   
ALA CB   C N N 5   
ALA OXT  O N N 6   
ALA H    H N N 7   
ALA H2   H N N 8   
ALA HA   H N N 9   
ALA HB1  H N N 10  
ALA HB2  H N N 11  
ALA HB3  H N N 12  
ALA HXT  H N N 13  
ARG N    N N N 14  
ARG CA   C N S 15  
ARG C    C N N 16  
ARG O    O N N 17  
ARG CB   C N N 18  
ARG CG   C N N 19  
ARG CD   C N N 20  
ARG NE   N N N 21  
ARG CZ   C N N 22  
ARG NH1  N N N 23  
ARG NH2  N N N 24  
ARG OXT  O N N 25  
ARG H    H N N 26  
ARG H2   H N N 27  
ARG HA   H N N 28  
ARG HB2  H N N 29  
ARG HB3  H N N 30  
ARG HG2  H N N 31  
ARG HG3  H N N 32  
ARG HD2  H N N 33  
ARG HD3  H N N 34  
ARG HE   H N N 35  
ARG HH11 H N N 36  
ARG HH12 H N N 37  
ARG HH21 H N N 38  
ARG HH22 H N N 39  
ARG HXT  H N N 40  
ASN N    N N N 41  
ASN CA   C N S 42  
ASN C    C N N 43  
ASN O    O N N 44  
ASN CB   C N N 45  
ASN CG   C N N 46  
ASN OD1  O N N 47  
ASN ND2  N N N 48  
ASN OXT  O N N 49  
ASN H    H N N 50  
ASN H2   H N N 51  
ASN HA   H N N 52  
ASN HB2  H N N 53  
ASN HB3  H N N 54  
ASN HD21 H N N 55  
ASN HD22 H N N 56  
ASN HXT  H N N 57  
ASP N    N N N 58  
ASP CA   C N S 59  
ASP C    C N N 60  
ASP O    O N N 61  
ASP CB   C N N 62  
ASP CG   C N N 63  
ASP OD1  O N N 64  
ASP OD2  O N N 65  
ASP OXT  O N N 66  
ASP H    H N N 67  
ASP H2   H N N 68  
ASP HA   H N N 69  
ASP HB2  H N N 70  
ASP HB3  H N N 71  
ASP HD2  H N N 72  
ASP HXT  H N N 73  
CYS N    N N N 74  
CYS CA   C N R 75  
CYS C    C N N 76  
CYS O    O N N 77  
CYS CB   C N N 78  
CYS SG   S N N 79  
CYS OXT  O N N 80  
CYS H    H N N 81  
CYS H2   H N N 82  
CYS HA   H N N 83  
CYS HB2  H N N 84  
CYS HB3  H N N 85  
CYS HG   H N N 86  
CYS HXT  H N N 87  
GLY N    N N N 88  
GLY CA   C N N 89  
GLY C    C N N 90  
GLY O    O N N 91  
GLY OXT  O N N 92  
GLY H    H N N 93  
GLY H2   H N N 94  
GLY HA2  H N N 95  
GLY HA3  H N N 96  
GLY HXT  H N N 97  
HOH O    O N N 98  
HOH H1   H N N 99  
HOH H2   H N N 100 
ILE N    N N N 101 
ILE CA   C N S 102 
ILE C    C N N 103 
ILE O    O N N 104 
ILE CB   C N S 105 
ILE CG1  C N N 106 
ILE CG2  C N N 107 
ILE CD1  C N N 108 
ILE OXT  O N N 109 
ILE H    H N N 110 
ILE H2   H N N 111 
ILE HA   H N N 112 
ILE HB   H N N 113 
ILE HG12 H N N 114 
ILE HG13 H N N 115 
ILE HG21 H N N 116 
ILE HG22 H N N 117 
ILE HG23 H N N 118 
ILE HD11 H N N 119 
ILE HD12 H N N 120 
ILE HD13 H N N 121 
ILE HXT  H N N 122 
LAL CB   C N N 123 
LAL C    C N N 124 
LAL O    O N N 125 
LAL N    N N N 126 
LAL CA   C N S 127 
LAL CH1  C N N 128 
LAL CH2  C N N 129 
LAL OXT  O N N 130 
LAL HB1  H N N 131 
LAL HB2  H N N 132 
LAL HB3  H N N 133 
LAL HA   H N N 134 
LAL HH11 H N N 135 
LAL HH12 H N N 136 
LAL HH13 H N N 137 
LAL HH21 H N N 138 
LAL HH22 H N N 139 
LAL HH23 H N N 140 
LAL HXT  H N N 141 
LYS N    N N N 142 
LYS CA   C N S 143 
LYS C    C N N 144 
LYS O    O N N 145 
LYS CB   C N N 146 
LYS CG   C N N 147 
LYS CD   C N N 148 
LYS CE   C N N 149 
LYS NZ   N N N 150 
LYS OXT  O N N 151 
LYS H    H N N 152 
LYS H2   H N N 153 
LYS HA   H N N 154 
LYS HB2  H N N 155 
LYS HB3  H N N 156 
LYS HG2  H N N 157 
LYS HG3  H N N 158 
LYS HD2  H N N 159 
LYS HD3  H N N 160 
LYS HE2  H N N 161 
LYS HE3  H N N 162 
LYS HZ1  H N N 163 
LYS HZ2  H N N 164 
LYS HZ3  H N N 165 
LYS HXT  H N N 166 
MET N    N N N 167 
MET CA   C N S 168 
MET C    C N N 169 
MET O    O N N 170 
MET CB   C N N 171 
MET CG   C N N 172 
MET SD   S N N 173 
MET CE   C N N 174 
MET OXT  O N N 175 
MET H    H N N 176 
MET H2   H N N 177 
MET HA   H N N 178 
MET HB2  H N N 179 
MET HB3  H N N 180 
MET HG2  H N N 181 
MET HG3  H N N 182 
MET HE1  H N N 183 
MET HE2  H N N 184 
MET HE3  H N N 185 
MET HXT  H N N 186 
MLY N    N N N 187 
MLY CA   C N S 188 
MLY CB   C N N 189 
MLY CG   C N N 190 
MLY CD   C N N 191 
MLY CE   C N N 192 
MLY NZ   N N N 193 
MLY CH1  C N N 194 
MLY CH2  C N N 195 
MLY C    C N N 196 
MLY O    O N N 197 
MLY OXT  O N N 198 
MLY H    H N N 199 
MLY H2   H N N 200 
MLY HA   H N N 201 
MLY HB2  H N N 202 
MLY HB3  H N N 203 
MLY HG2  H N N 204 
MLY HG3  H N N 205 
MLY HD2  H N N 206 
MLY HD3  H N N 207 
MLY HE2  H N N 208 
MLY HE3  H N N 209 
MLY HH11 H N N 210 
MLY HH12 H N N 211 
MLY HH13 H N N 212 
MLY HH21 H N N 213 
MLY HH22 H N N 214 
MLY HH23 H N N 215 
MLY HXT  H N N 216 
PHE N    N N N 217 
PHE CA   C N S 218 
PHE C    C N N 219 
PHE O    O N N 220 
PHE CB   C N N 221 
PHE CG   C Y N 222 
PHE CD1  C Y N 223 
PHE CD2  C Y N 224 
PHE CE1  C Y N 225 
PHE CE2  C Y N 226 
PHE CZ   C Y N 227 
PHE OXT  O N N 228 
PHE H    H N N 229 
PHE H2   H N N 230 
PHE HA   H N N 231 
PHE HB2  H N N 232 
PHE HB3  H N N 233 
PHE HD1  H N N 234 
PHE HD2  H N N 235 
PHE HE1  H N N 236 
PHE HE2  H N N 237 
PHE HZ   H N N 238 
PHE HXT  H N N 239 
SER N    N N N 240 
SER CA   C N S 241 
SER C    C N N 242 
SER O    O N N 243 
SER CB   C N N 244 
SER OG   O N N 245 
SER OXT  O N N 246 
SER H    H N N 247 
SER H2   H N N 248 
SER HA   H N N 249 
SER HB2  H N N 250 
SER HB3  H N N 251 
SER HG   H N N 252 
SER HXT  H N N 253 
TYR N    N N N 254 
TYR CA   C N S 255 
TYR C    C N N 256 
TYR O    O N N 257 
TYR CB   C N N 258 
TYR CG   C Y N 259 
TYR CD1  C Y N 260 
TYR CD2  C Y N 261 
TYR CE1  C Y N 262 
TYR CE2  C Y N 263 
TYR CZ   C Y N 264 
TYR OH   O N N 265 
TYR OXT  O N N 266 
TYR H    H N N 267 
TYR H2   H N N 268 
TYR HA   H N N 269 
TYR HB2  H N N 270 
TYR HB3  H N N 271 
TYR HD1  H N N 272 
TYR HD2  H N N 273 
TYR HE1  H N N 274 
TYR HE2  H N N 275 
TYR HH   H N N 276 
TYR HXT  H N N 277 
VAL N    N N N 278 
VAL CA   C N S 279 
VAL C    C N N 280 
VAL O    O N N 281 
VAL CB   C N N 282 
VAL CG1  C N N 283 
VAL CG2  C N N 284 
VAL OXT  O N N 285 
VAL H    H N N 286 
VAL H2   H N N 287 
VAL HA   H N N 288 
VAL HB   H N N 289 
VAL HG11 H N N 290 
VAL HG12 H N N 291 
VAL HG13 H N N 292 
VAL HG21 H N N 293 
VAL HG22 H N N 294 
VAL HG23 H N N 295 
VAL HXT  H N N 296 
# 
loop_
_chem_comp_bond.comp_id 
_chem_comp_bond.atom_id_1 
_chem_comp_bond.atom_id_2 
_chem_comp_bond.value_order 
_chem_comp_bond.pdbx_aromatic_flag 
_chem_comp_bond.pdbx_stereo_config 
_chem_comp_bond.pdbx_ordinal 
ALA N   CA   sing N N 1   
ALA N   H    sing N N 2   
ALA N   H2   sing N N 3   
ALA CA  C    sing N N 4   
ALA CA  CB   sing N N 5   
ALA CA  HA   sing N N 6   
ALA C   O    doub N N 7   
ALA C   OXT  sing N N 8   
ALA CB  HB1  sing N N 9   
ALA CB  HB2  sing N N 10  
ALA CB  HB3  sing N N 11  
ALA OXT HXT  sing N N 12  
ARG N   CA   sing N N 13  
ARG N   H    sing N N 14  
ARG N   H2   sing N N 15  
ARG CA  C    sing N N 16  
ARG CA  CB   sing N N 17  
ARG CA  HA   sing N N 18  
ARG C   O    doub N N 19  
ARG C   OXT  sing N N 20  
ARG CB  CG   sing N N 21  
ARG CB  HB2  sing N N 22  
ARG CB  HB3  sing N N 23  
ARG CG  CD   sing N N 24  
ARG CG  HG2  sing N N 25  
ARG CG  HG3  sing N N 26  
ARG CD  NE   sing N N 27  
ARG CD  HD2  sing N N 28  
ARG CD  HD3  sing N N 29  
ARG NE  CZ   sing N N 30  
ARG NE  HE   sing N N 31  
ARG CZ  NH1  sing N N 32  
ARG CZ  NH2  doub N N 33  
ARG NH1 HH11 sing N N 34  
ARG NH1 HH12 sing N N 35  
ARG NH2 HH21 sing N N 36  
ARG NH2 HH22 sing N N 37  
ARG OXT HXT  sing N N 38  
ASN N   CA   sing N N 39  
ASN N   H    sing N N 40  
ASN N   H2   sing N N 41  
ASN CA  C    sing N N 42  
ASN CA  CB   sing N N 43  
ASN CA  HA   sing N N 44  
ASN C   O    doub N N 45  
ASN C   OXT  sing N N 46  
ASN CB  CG   sing N N 47  
ASN CB  HB2  sing N N 48  
ASN CB  HB3  sing N N 49  
ASN CG  OD1  doub N N 50  
ASN CG  ND2  sing N N 51  
ASN ND2 HD21 sing N N 52  
ASN ND2 HD22 sing N N 53  
ASN OXT HXT  sing N N 54  
ASP N   CA   sing N N 55  
ASP N   H    sing N N 56  
ASP N   H2   sing N N 57  
ASP CA  C    sing N N 58  
ASP CA  CB   sing N N 59  
ASP CA  HA   sing N N 60  
ASP C   O    doub N N 61  
ASP C   OXT  sing N N 62  
ASP CB  CG   sing N N 63  
ASP CB  HB2  sing N N 64  
ASP CB  HB3  sing N N 65  
ASP CG  OD1  doub N N 66  
ASP CG  OD2  sing N N 67  
ASP OD2 HD2  sing N N 68  
ASP OXT HXT  sing N N 69  
CYS N   CA   sing N N 70  
CYS N   H    sing N N 71  
CYS N   H2   sing N N 72  
CYS CA  C    sing N N 73  
CYS CA  CB   sing N N 74  
CYS CA  HA   sing N N 75  
CYS C   O    doub N N 76  
CYS C   OXT  sing N N 77  
CYS CB  SG   sing N N 78  
CYS CB  HB2  sing N N 79  
CYS CB  HB3  sing N N 80  
CYS SG  HG   sing N N 81  
CYS OXT HXT  sing N N 82  
GLY N   CA   sing N N 83  
GLY N   H    sing N N 84  
GLY N   H2   sing N N 85  
GLY CA  C    sing N N 86  
GLY CA  HA2  sing N N 87  
GLY CA  HA3  sing N N 88  
GLY C   O    doub N N 89  
GLY C   OXT  sing N N 90  
GLY OXT HXT  sing N N 91  
HOH O   H1   sing N N 92  
HOH O   H2   sing N N 93  
ILE N   CA   sing N N 94  
ILE N   H    sing N N 95  
ILE N   H2   sing N N 96  
ILE CA  C    sing N N 97  
ILE CA  CB   sing N N 98  
ILE CA  HA   sing N N 99  
ILE C   O    doub N N 100 
ILE C   OXT  sing N N 101 
ILE CB  CG1  sing N N 102 
ILE CB  CG2  sing N N 103 
ILE CB  HB   sing N N 104 
ILE CG1 CD1  sing N N 105 
ILE CG1 HG12 sing N N 106 
ILE CG1 HG13 sing N N 107 
ILE CG2 HG21 sing N N 108 
ILE CG2 HG22 sing N N 109 
ILE CG2 HG23 sing N N 110 
ILE CD1 HD11 sing N N 111 
ILE CD1 HD12 sing N N 112 
ILE CD1 HD13 sing N N 113 
ILE OXT HXT  sing N N 114 
LAL CB  CA   sing N N 115 
LAL CB  HB1  sing N N 116 
LAL CB  HB2  sing N N 117 
LAL CB  HB3  sing N N 118 
LAL C   O    doub N N 119 
LAL C   CA   sing N N 120 
LAL C   OXT  sing N N 121 
LAL N   CA   sing N N 122 
LAL N   CH1  sing N N 123 
LAL N   CH2  sing N N 124 
LAL CA  HA   sing N N 125 
LAL CH1 HH11 sing N N 126 
LAL CH1 HH12 sing N N 127 
LAL CH1 HH13 sing N N 128 
LAL CH2 HH21 sing N N 129 
LAL CH2 HH22 sing N N 130 
LAL CH2 HH23 sing N N 131 
LAL OXT HXT  sing N N 132 
LYS N   CA   sing N N 133 
LYS N   H    sing N N 134 
LYS N   H2   sing N N 135 
LYS CA  C    sing N N 136 
LYS CA  CB   sing N N 137 
LYS CA  HA   sing N N 138 
LYS C   O    doub N N 139 
LYS C   OXT  sing N N 140 
LYS CB  CG   sing N N 141 
LYS CB  HB2  sing N N 142 
LYS CB  HB3  sing N N 143 
LYS CG  CD   sing N N 144 
LYS CG  HG2  sing N N 145 
LYS CG  HG3  sing N N 146 
LYS CD  CE   sing N N 147 
LYS CD  HD2  sing N N 148 
LYS CD  HD3  sing N N 149 
LYS CE  NZ   sing N N 150 
LYS CE  HE2  sing N N 151 
LYS CE  HE3  sing N N 152 
LYS NZ  HZ1  sing N N 153 
LYS NZ  HZ2  sing N N 154 
LYS NZ  HZ3  sing N N 155 
LYS OXT HXT  sing N N 156 
MET N   CA   sing N N 157 
MET N   H    sing N N 158 
MET N   H2   sing N N 159 
MET CA  C    sing N N 160 
MET CA  CB   sing N N 161 
MET CA  HA   sing N N 162 
MET C   O    doub N N 163 
MET C   OXT  sing N N 164 
MET CB  CG   sing N N 165 
MET CB  HB2  sing N N 166 
MET CB  HB3  sing N N 167 
MET CG  SD   sing N N 168 
MET CG  HG2  sing N N 169 
MET CG  HG3  sing N N 170 
MET SD  CE   sing N N 171 
MET CE  HE1  sing N N 172 
MET CE  HE2  sing N N 173 
MET CE  HE3  sing N N 174 
MET OXT HXT  sing N N 175 
MLY N   CA   sing N N 176 
MLY N   H    sing N N 177 
MLY N   H2   sing N N 178 
MLY CA  CB   sing N N 179 
MLY CA  C    sing N N 180 
MLY CA  HA   sing N N 181 
MLY CB  CG   sing N N 182 
MLY CB  HB2  sing N N 183 
MLY CB  HB3  sing N N 184 
MLY CG  CD   sing N N 185 
MLY CG  HG2  sing N N 186 
MLY CG  HG3  sing N N 187 
MLY CD  CE   sing N N 188 
MLY CD  HD2  sing N N 189 
MLY CD  HD3  sing N N 190 
MLY CE  NZ   sing N N 191 
MLY CE  HE2  sing N N 192 
MLY CE  HE3  sing N N 193 
MLY NZ  CH1  sing N N 194 
MLY NZ  CH2  sing N N 195 
MLY CH1 HH11 sing N N 196 
MLY CH1 HH12 sing N N 197 
MLY CH1 HH13 sing N N 198 
MLY CH2 HH21 sing N N 199 
MLY CH2 HH22 sing N N 200 
MLY CH2 HH23 sing N N 201 
MLY C   O    doub N N 202 
MLY C   OXT  sing N N 203 
MLY OXT HXT  sing N N 204 
PHE N   CA   sing N N 205 
PHE N   H    sing N N 206 
PHE N   H2   sing N N 207 
PHE CA  C    sing N N 208 
PHE CA  CB   sing N N 209 
PHE CA  HA   sing N N 210 
PHE C   O    doub N N 211 
PHE C   OXT  sing N N 212 
PHE CB  CG   sing N N 213 
PHE CB  HB2  sing N N 214 
PHE CB  HB3  sing N N 215 
PHE CG  CD1  doub Y N 216 
PHE CG  CD2  sing Y N 217 
PHE CD1 CE1  sing Y N 218 
PHE CD1 HD1  sing N N 219 
PHE CD2 CE2  doub Y N 220 
PHE CD2 HD2  sing N N 221 
PHE CE1 CZ   doub Y N 222 
PHE CE1 HE1  sing N N 223 
PHE CE2 CZ   sing Y N 224 
PHE CE2 HE2  sing N N 225 
PHE CZ  HZ   sing N N 226 
PHE OXT HXT  sing N N 227 
SER N   CA   sing N N 228 
SER N   H    sing N N 229 
SER N   H2   sing N N 230 
SER CA  C    sing N N 231 
SER CA  CB   sing N N 232 
SER CA  HA   sing N N 233 
SER C   O    doub N N 234 
SER C   OXT  sing N N 235 
SER CB  OG   sing N N 236 
SER CB  HB2  sing N N 237 
SER CB  HB3  sing N N 238 
SER OG  HG   sing N N 239 
SER OXT HXT  sing N N 240 
TYR N   CA   sing N N 241 
TYR N   H    sing N N 242 
TYR N   H2   sing N N 243 
TYR CA  C    sing N N 244 
TYR CA  CB   sing N N 245 
TYR CA  HA   sing N N 246 
TYR C   O    doub N N 247 
TYR C   OXT  sing N N 248 
TYR CB  CG   sing N N 249 
TYR CB  HB2  sing N N 250 
TYR CB  HB3  sing N N 251 
TYR CG  CD1  doub Y N 252 
TYR CG  CD2  sing Y N 253 
TYR CD1 CE1  sing Y N 254 
TYR CD1 HD1  sing N N 255 
TYR CD2 CE2  doub Y N 256 
TYR CD2 HD2  sing N N 257 
TYR CE1 CZ   doub Y N 258 
TYR CE1 HE1  sing N N 259 
TYR CE2 CZ   sing Y N 260 
TYR CE2 HE2  sing N N 261 
TYR CZ  OH   sing N N 262 
TYR OH  HH   sing N N 263 
TYR OXT HXT  sing N N 264 
VAL N   CA   sing N N 265 
VAL N   H    sing N N 266 
VAL N   H2   sing N N 267 
VAL CA  C    sing N N 268 
VAL CA  CB   sing N N 269 
VAL CA  HA   sing N N 270 
VAL C   O    doub N N 271 
VAL C   OXT  sing N N 272 
VAL CB  CG1  sing N N 273 
VAL CB  CG2  sing N N 274 
VAL CB  HB   sing N N 275 
VAL CG1 HG11 sing N N 276 
VAL CG1 HG12 sing N N 277 
VAL CG1 HG13 sing N N 278 
VAL CG2 HG21 sing N N 279 
VAL CG2 HG22 sing N N 280 
VAL CG2 HG23 sing N N 281 
VAL OXT HXT  sing N N 282 
# 
_atom_sites.entry_id                    1R1G 
_atom_sites.fract_transf_matrix[1][1]   0.01639321 
_atom_sites.fract_transf_matrix[1][2]   -0.00967989 
_atom_sites.fract_transf_matrix[1][3]   -0.04281604 
_atom_sites.fract_transf_matrix[2][1]   -0.00959745 
_atom_sites.fract_transf_matrix[2][2]   0.02165786 
_atom_sites.fract_transf_matrix[2][3]   -0.00857106 
_atom_sites.fract_transf_matrix[3][1]   0.03000215 
_atom_sites.fract_transf_matrix[3][2]   0.01539815 
_atom_sites.fract_transf_matrix[3][3]   0.00531404 
_atom_sites.fract_transf_vector[1]      0.293741 
_atom_sites.fract_transf_vector[2]      -0.043166 
_atom_sites.fract_transf_vector[3]      0.762061 
# 
loop_
_atom_type.symbol 
C 
N 
O 
S 
# 
loop_
_atom_site.group_PDB 
_atom_site.id 
_atom_site.type_symbol 
_atom_site.label_atom_id 
_atom_site.label_alt_id 
_atom_site.label_comp_id 
_atom_site.label_asym_id 
_atom_site.label_entity_id 
_atom_site.label_seq_id 
_atom_site.pdbx_PDB_ins_code 
_atom_site.Cartn_x 
_atom_site.Cartn_y 
_atom_site.Cartn_z 
_atom_site.occupancy 
_atom_site.B_iso_or_equiv 
_atom_site.pdbx_formal_charge 
_atom_site.auth_seq_id 
_atom_site.auth_comp_id 
_atom_site.auth_asym_id 
_atom_site.auth_atom_id 
_atom_site.pdbx_PDB_model_num 
HETATM 1   C CB  . LAL A 1 1  ? -11.790 6.353   1.229   1.00 24.10 ? 1  LAL A CB  1 
HETATM 2   C C   . LAL A 1 1  ? -13.600 5.054   0.109   1.00 23.64 ? 1  LAL A C   1 
HETATM 3   O O   . LAL A 1 1  ? -13.795 3.835   0.141   1.00 24.31 ? 1  LAL A O   1 
HETATM 4   N N   . LAL A 1 1  ? -13.303 4.952   2.584   1.00 24.18 ? 1  LAL A N   1 
HETATM 5   C CA  . LAL A 1 1  ? -13.204 5.819   1.370   1.00 23.87 ? 1  LAL A CA  1 
ATOM   6   N N   . ALA A 1 2  ? -13.720 5.777   -0.998  1.00 21.55 ? 2  ALA A N   1 
ATOM   7   C CA  . ALA A 1 2  ? -14.089 5.165   -2.265  1.00 18.73 ? 2  ALA A CA  1 
ATOM   8   C C   . ALA A 1 2  ? -12.887 4.406   -2.814  1.00 17.73 ? 2  ALA A C   1 
ATOM   9   O O   . ALA A 1 2  ? -11.766 4.908   -2.793  1.00 19.23 ? 2  ALA A O   1 
ATOM   10  C CB  . ALA A 1 2  ? -14.525 6.236   -3.255  1.00 18.36 ? 2  ALA A CB  1 
ATOM   11  N N   . CYS A 1 3  ? -13.122 3.201   -3.314  1.00 15.35 ? 3  CYS A N   1 
ATOM   12  C CA  . CYS A 1 3  ? -12.038 2.401   -3.869  1.00 13.71 ? 3  CYS A CA  1 
ATOM   13  C C   . CYS A 1 3  ? -12.357 2.074   -5.324  1.00 13.28 ? 3  CYS A C   1 
ATOM   14  O O   . CYS A 1 3  ? -13.409 1.523   -5.619  1.00 12.67 ? 3  CYS A O   1 
ATOM   15  C CB  . CYS A 1 3  ? -11.872 1.097   -3.074  1.00 13.56 ? 3  CYS A CB  1 
ATOM   16  S SG  . CYS A 1 3  ? -10.348 0.162   -3.459  1.00 13.77 ? 3  CYS A SG  1 
ATOM   17  N N   . TYR A 1 4  ? -11.451 2.438   -6.226  1.00 12.52 ? 4  TYR A N   1 
ATOM   18  C CA  . TYR A 1 4  ? -11.603 2.156   -7.652  1.00 12.34 ? 4  TYR A CA  1 
ATOM   19  C C   . TYR A 1 4  ? -10.444 1.213   -7.939  1.00 12.13 ? 4  TYR A C   1 
ATOM   20  O O   . TYR A 1 4  ? -9.285  1.554   -7.695  1.00 12.77 ? 4  TYR A O   1 
ATOM   21  C CB  . TYR A 1 4  ? -11.482 3.452   -8.457  1.00 12.39 ? 4  TYR A CB  1 
ATOM   22  C CG  . TYR A 1 4  ? -12.450 4.516   -7.997  1.00 14.08 ? 4  TYR A CG  1 
ATOM   23  C CD1 . TYR A 1 4  ? -12.025 5.822   -7.774  1.00 13.92 ? 4  TYR A CD1 1 
ATOM   24  C CD2 . TYR A 1 4  ? -13.789 4.205   -7.735  1.00 14.17 ? 4  TYR A CD2 1 
ATOM   25  C CE1 . TYR A 1 4  ? -12.903 6.793   -7.298  1.00 14.95 ? 4  TYR A CE1 1 
ATOM   26  C CE2 . TYR A 1 4  ? -14.670 5.166   -7.257  1.00 14.86 ? 4  TYR A CE2 1 
ATOM   27  C CZ  . TYR A 1 4  ? -14.219 6.458   -7.041  1.00 15.15 ? 4  TYR A CZ  1 
ATOM   28  O OH  . TYR A 1 4  ? -15.086 7.416   -6.565  1.00 17.95 ? 4  TYR A OH  1 
ATOM   29  N N   . SER A 1 5  ? -10.760 0.023   -8.444  1.00 12.37 ? 5  SER A N   1 
ATOM   30  C CA  . SER A 1 5  ? -9.747  -0.996  -8.727  1.00 12.67 ? 5  SER A CA  1 
ATOM   31  C C   . SER A 1 5  ? -8.484  -0.503  -9.434  1.00 12.77 ? 5  SER A C   1 
ATOM   32  O O   . SER A 1 5  ? -7.374  -0.839  -9.023  1.00 12.94 ? 5  SER A O   1 
ATOM   33  C CB  . SER A 1 5  ? -10.365 -2.159  -9.519  1.00 13.40 ? 5  SER A CB  1 
ATOM   34  O OG  A SER A 1 5  ? -11.006 -1.720  -10.704 0.50 13.80 ? 5  SER A OG  1 
ATOM   35  O OG  B SER A 1 5  ? -11.440 -2.722  -8.949  0.50 14.05 ? 5  SER A OG  1 
ATOM   36  N N   . SER A 1 6  ? -8.649  0.280   -10.496 1.00 13.31 ? 6  SER A N   1 
ATOM   37  C CA  . SER A 1 6  ? -7.500  0.801   -11.238 1.00 13.86 ? 6  SER A CA  1 
ATOM   38  C C   . SER A 1 6  ? -6.685  1.797   -10.418 1.00 13.42 ? 6  SER A C   1 
ATOM   39  O O   . SER A 1 6  ? -5.457  1.749   -10.419 1.00 14.29 ? 6  SER A O   1 
ATOM   40  C CB  . SER A 1 6  ? -7.966  1.456   -12.548 1.00 14.48 ? 6  SER A CB  1 
ATOM   41  O OG  . SER A 1 6  ? -8.722  2.628   -12.299 1.00 17.98 ? 6  SER A OG  1 
ATOM   42  N N   . ASP A 1 7  ? -7.380  2.680   -9.705  1.00 12.39 ? 7  ASP A N   1 
ATOM   43  C CA  . ASP A 1 7  ? -6.744  3.705   -8.873  1.00 11.83 ? 7  ASP A CA  1 
ATOM   44  C C   . ASP A 1 7  ? -5.972  3.065   -7.720  1.00 11.42 ? 7  ASP A C   1 
ATOM   45  O O   . ASP A 1 7  ? -4.847  3.466   -7.406  1.00 11.01 ? 7  ASP A O   1 
ATOM   46  C CB  . ASP A 1 7  ? -7.823  4.661   -8.337  1.00 12.95 ? 7  ASP A CB  1 
ATOM   47  C CG  . ASP A 1 7  ? -7.254  5.765   -7.459  1.00 13.45 ? 7  ASP A CG  1 
ATOM   48  O OD1 . ASP A 1 7  ? -7.626  5.838   -6.273  1.00 14.35 ? 7  ASP A OD1 1 
ATOM   49  O OD2 . ASP A 1 7  ? -6.438  6.561   -7.953  1.00 15.79 ? 7  ASP A OD2 1 
ATOM   50  N N   . CYS A 1 8  ? -6.582  2.066   -7.095  1.00 11.33 ? 8  CYS A N   1 
ATOM   51  C CA  . CYS A 1 8  ? -5.960  1.354   -5.985  1.00 11.47 ? 8  CYS A CA  1 
ATOM   52  C C   . CYS A 1 8  ? -4.679  0.664   -6.460  1.00 11.38 ? 8  CYS A C   1 
ATOM   53  O O   . CYS A 1 8  ? -3.641  0.748   -5.809  1.00 10.79 ? 8  CYS A O   1 
ATOM   54  C CB  . CYS A 1 8  ? -6.948  0.330   -5.422  1.00 10.79 ? 8  CYS A CB  1 
ATOM   55  S SG  . CYS A 1 8  ? -6.289  -0.828  -4.178  1.00 10.53 ? 8  CYS A SG  1 
ATOM   56  N N   . ARG A 1 9  ? -4.752  -0.010  -7.602  1.00 11.82 ? 9  ARG A N   1 
ATOM   57  C CA  . ARG A 1 9  ? -3.578  -0.692  -8.142  1.00 12.81 ? 9  ARG A CA  1 
ATOM   58  C C   . ARG A 1 9  ? -2.445  0.279   -8.458  1.00 12.34 ? 9  ARG A C   1 
ATOM   59  O O   . ARG A 1 9  ? -1.302  0.056   -8.055  1.00 12.64 ? 9  ARG A O   1 
ATOM   60  C CB  . ARG A 1 9  ? -3.946  -1.469  -9.408  1.00 16.06 ? 9  ARG A CB  1 
ATOM   61  C CG  . ARG A 1 9  ? -2.775  -2.199  -10.054 1.00 19.94 ? 9  ARG A CG  1 
ATOM   62  C CD  . ARG A 1 9  ? -3.258  -3.085  -11.182 1.00 26.11 ? 9  ARG A CD  1 
ATOM   63  N NE  . ARG A 1 9  ? -4.212  -2.375  -12.031 1.00 30.74 ? 9  ARG A NE  1 
ATOM   64  C CZ  . ARG A 1 9  ? -4.834  -2.913  -13.073 1.00 33.75 ? 9  ARG A CZ  1 
ATOM   65  N NH1 . ARG A 1 9  ? -4.606  -4.175  -13.410 1.00 35.96 ? 9  ARG A NH1 1 
ATOM   66  N NH2 . ARG A 1 9  ? -5.693  -2.187  -13.776 1.00 35.14 ? 9  ARG A NH2 1 
ATOM   67  N N   . VAL A 1 10 ? -2.755  1.361   -9.170  1.00 11.92 ? 10 VAL A N   1 
ATOM   68  C CA  . VAL A 1 10 ? -1.719  2.323   -9.522  1.00 11.80 ? 10 VAL A CA  1 
ATOM   69  C C   . VAL A 1 10 ? -1.093  2.964   -8.290  1.00 11.10 ? 10 VAL A C   1 
ATOM   70  O O   . VAL A 1 10 ? 0.107   3.220   -8.277  1.00 10.69 ? 10 VAL A O   1 
ATOM   71  C CB  . VAL A 1 10 ? -2.247  3.407   -10.485 1.00 12.77 ? 10 VAL A CB  1 
ATOM   72  C CG1 . VAL A 1 10 ? -2.650  2.760   -11.803 1.00 13.30 ? 10 VAL A CG1 1 
ATOM   73  C CG2 . VAL A 1 10 ? -3.421  4.131   -9.883  1.00 15.19 ? 10 VAL A CG2 1 
HETATM 74  N N   . MLY A 1 11 ? -1.896  3.220   -7.257  1.00 9.85  ? 11 MLY A N   1 
HETATM 75  C CA  . MLY A 1 11 ? -1.362  3.804   -6.022  1.00 10.06 ? 11 MLY A CA  1 
HETATM 76  C CB  . MLY A 1 11 ? -2.504  4.265   -5.117  1.00 10.70 ? 11 MLY A CB  1 
HETATM 77  C CG  . MLY A 1 11 ? -3.116  5.573   -5.575  1.00 12.72 ? 11 MLY A CG  1 
HETATM 78  C CD  . MLY A 1 11 ? -4.389  5.904   -4.833  1.00 13.18 ? 11 MLY A CD  1 
HETATM 79  C CE  . MLY A 1 11 ? -4.881  7.295   -5.212  1.00 16.00 ? 11 MLY A CE  1 
HETATM 80  N NZ  . MLY A 1 11 ? -6.277  7.559   -4.739  1.00 17.49 ? 11 MLY A NZ  1 
HETATM 81  C CH1 . MLY A 1 11 ? -6.450  7.372   -3.273  1.00 18.09 ? 11 MLY A CH1 1 
HETATM 82  C CH2 . MLY A 1 11 ? -6.562  8.984   -5.109  1.00 17.93 ? 11 MLY A CH2 1 
HETATM 83  C C   . MLY A 1 11 ? -0.479  2.793   -5.284  1.00 10.07 ? 11 MLY A C   1 
HETATM 84  O O   . MLY A 1 11 ? 0.573   3.144   -4.743  1.00 9.33  ? 11 MLY A O   1 
ATOM   85  N N   . CYS A 1 12 ? -0.913  1.538   -5.266  1.00 10.03 ? 12 CYS A N   1 
ATOM   86  C CA  . CYS A 1 12 ? -0.141  0.486   -4.616  1.00 10.26 ? 12 CYS A CA  1 
ATOM   87  C C   . CYS A 1 12 ? 1.184   0.316   -5.338  1.00 10.17 ? 12 CYS A C   1 
ATOM   88  O O   . CYS A 1 12 ? 2.239   0.243   -4.708  1.00 10.21 ? 12 CYS A O   1 
ATOM   89  C CB  . CYS A 1 12 ? -0.901  -0.831  -4.657  1.00 10.05 ? 12 CYS A CB  1 
ATOM   90  S SG  . CYS A 1 12 ? -2.251  -0.937  -3.450  1.00 10.89 ? 12 CYS A SG  1 
ATOM   91  N N   . VAL A 1 13 ? 1.124   0.265   -6.663  1.00 10.15 ? 13 VAL A N   1 
ATOM   92  C CA  . VAL A 1 13 ? 2.334   0.104   -7.464  1.00 10.47 ? 13 VAL A CA  1 
ATOM   93  C C   . VAL A 1 13 ? 3.277   1.296   -7.300  1.00 10.79 ? 13 VAL A C   1 
ATOM   94  O O   . VAL A 1 13 ? 4.485   1.112   -7.155  1.00 10.54 ? 13 VAL A O   1 
ATOM   95  C CB  . VAL A 1 13 ? 1.986   -0.106  -8.964  1.00 10.32 ? 13 VAL A CB  1 
ATOM   96  C CG1 . VAL A 1 13 ? 3.234   0.022   -9.831  1.00 11.28 ? 13 VAL A CG1 1 
ATOM   97  C CG2 . VAL A 1 13 ? 1.381   -1.497  -9.159  1.00 10.28 ? 13 VAL A CG2 1 
ATOM   98  N N   . ALA A 1 14 ? 2.725   2.509   -7.303  1.00 11.31 ? 14 ALA A N   1 
ATOM   99  C CA  . ALA A 1 14 ? 3.529   3.724   -7.156  1.00 11.89 ? 14 ALA A CA  1 
ATOM   100 C C   . ALA A 1 14 ? 4.321   3.692   -5.851  1.00 12.31 ? 14 ALA A C   1 
ATOM   101 O O   . ALA A 1 14 ? 5.437   4.209   -5.783  1.00 13.39 ? 14 ALA A O   1 
ATOM   102 C CB  . ALA A 1 14 ? 2.633   4.955   -7.189  1.00 11.80 ? 14 ALA A CB  1 
ATOM   103 N N   . MET A 1 15 ? 3.729   3.084   -4.826  1.00 12.31 ? 15 MET A N   1 
ATOM   104 C CA  . MET A 1 15 ? 4.336   2.955   -3.497  1.00 12.54 ? 15 MET A CA  1 
ATOM   105 C C   . MET A 1 15 ? 5.362   1.840   -3.364  1.00 11.94 ? 15 MET A C   1 
ATOM   106 O O   . MET A 1 15 ? 5.988   1.706   -2.315  1.00 12.31 ? 15 MET A O   1 
ATOM   107 C CB  . MET A 1 15 ? 3.273   2.643   -2.460  1.00 13.89 ? 15 MET A CB  1 
ATOM   108 C CG  . MET A 1 15 ? 2.343   3.731   -2.115  1.00 16.45 ? 15 MET A CG  1 
ATOM   109 S SD  . MET A 1 15 ? 1.291   2.983   -0.899  1.00 16.72 ? 15 MET A SD  1 
ATOM   110 C CE  . MET A 1 15 ? 2.299   3.033   0.539   1.00 15.36 ? 15 MET A CE  1 
ATOM   111 N N   . GLY A 1 16 ? 5.493   1.005   -4.386  1.00 11.04 ? 16 GLY A N   1 
ATOM   112 C CA  . GLY A 1 16 ? 6.446   -0.084  -4.310  1.00 10.51 ? 16 GLY A CA  1 
ATOM   113 C C   . GLY A 1 16 ? 5.852   -1.482  -4.193  1.00 10.61 ? 16 GLY A C   1 
ATOM   114 O O   . GLY A 1 16 ? 6.600   -2.458  -4.115  1.00 10.09 ? 16 GLY A O   1 
ATOM   115 N N   . PHE A 1 17 ? 4.526   -1.595  -4.152  1.00 9.97  ? 17 PHE A N   1 
ATOM   116 C CA  . PHE A 1 17 ? 3.902   -2.918  -4.088  1.00 10.43 ? 17 PHE A CA  1 
ATOM   117 C C   . PHE A 1 17 ? 3.759   -3.430  -5.518  1.00 10.68 ? 17 PHE A C   1 
ATOM   118 O O   . PHE A 1 17 ? 3.944   -2.671  -6.466  1.00 11.82 ? 17 PHE A O   1 
ATOM   119 C CB  . PHE A 1 17 ? 2.531   -2.868  -3.400  1.00 10.15 ? 17 PHE A CB  1 
ATOM   120 C CG  . PHE A 1 17 ? 2.605   -2.603  -1.923  1.00 11.00 ? 17 PHE A CG  1 
ATOM   121 C CD1 . PHE A 1 17 ? 2.672   -1.300  -1.439  1.00 10.23 ? 17 PHE A CD1 1 
ATOM   122 C CD2 . PHE A 1 17 ? 2.637   -3.661  -1.012  1.00 11.03 ? 17 PHE A CD2 1 
ATOM   123 C CE1 . PHE A 1 17 ? 2.771   -1.048  -0.074  1.00 9.60  ? 17 PHE A CE1 1 
ATOM   124 C CE2 . PHE A 1 17 ? 2.738   -3.417  0.362   1.00 10.42 ? 17 PHE A CE2 1 
ATOM   125 C CZ  . PHE A 1 17 ? 2.806   -2.103  0.827   1.00 10.04 ? 17 PHE A CZ  1 
ATOM   126 N N   . SER A 1 18 ? 3.430   -4.712  -5.675  1.00 11.06 ? 18 SER A N   1 
ATOM   127 C CA  . SER A 1 18 ? 3.307   -5.313  -7.001  1.00 11.24 ? 18 SER A CA  1 
ATOM   128 C C   . SER A 1 18 ? 1.932   -5.136  -7.639  1.00 11.75 ? 18 SER A C   1 
ATOM   129 O O   . SER A 1 18 ? 1.814   -5.115  -8.868  1.00 12.63 ? 18 SER A O   1 
ATOM   130 C CB  . SER A 1 18 ? 3.658   -6.806  -6.932  1.00 11.51 ? 18 SER A CB  1 
ATOM   131 O OG  . SER A 1 18 ? 5.017   -7.003  -6.563  1.00 12.16 ? 18 SER A OG  1 
ATOM   132 N N   . SER A 1 19 ? 0.899   -5.016  -6.804  1.00 11.28 ? 19 SER A N   1 
ATOM   133 C CA  . SER A 1 19 ? -0.465  -4.821  -7.283  1.00 10.12 ? 19 SER A CA  1 
ATOM   134 C C   . SER A 1 19 ? -1.356  -4.324  -6.150  1.00 9.75  ? 19 SER A C   1 
ATOM   135 O O   . SER A 1 19 ? -0.906  -4.149  -5.018  1.00 8.84  ? 19 SER A O   1 
ATOM   136 C CB  . SER A 1 19 ? -1.030  -6.130  -7.836  1.00 11.10 ? 19 SER A CB  1 
ATOM   137 O OG  . SER A 1 19 ? -2.279  -5.908  -8.469  1.00 12.63 ? 19 SER A OG  1 
ATOM   138 N N   . GLY A 1 20 ? -2.621  -4.099  -6.471  1.00 9.20  ? 20 GLY A N   1 
ATOM   139 C CA  . GLY A 1 20 ? -3.568  -3.640  -5.479  1.00 9.71  ? 20 GLY A CA  1 
ATOM   140 C C   . GLY A 1 20 ? -4.949  -4.046  -5.935  1.00 10.05 ? 20 GLY A C   1 
ATOM   141 O O   . GLY A 1 20 ? -5.202  -4.139  -7.136  1.00 10.71 ? 20 GLY A O   1 
HETATM 142 N N   . MLY A 1 21 ? -5.834  -4.319  -4.984  1.00 10.98 ? 21 MLY A N   1 
HETATM 143 C CA  . MLY A 1 21 ? -7.200  -4.714  -5.301  1.00 11.58 ? 21 MLY A CA  1 
HETATM 144 C CB  . MLY A 1 21 ? -7.371  -6.234  -5.209  1.00 13.29 ? 21 MLY A CB  1 
HETATM 145 C CG  . MLY A 1 21 ? -6.347  -7.049  -5.956  1.00 17.43 ? 21 MLY A CG  1 
HETATM 146 C CD  . MLY A 1 21 ? -6.379  -8.486  -5.469  1.00 19.05 ? 21 MLY A CD  1 
HETATM 147 C CE  . MLY A 1 21 ? -5.238  -9.288  -6.057  1.00 22.88 ? 21 MLY A CE  1 
HETATM 148 N NZ  . MLY A 1 21 ? -5.063  -10.600 -5.372  1.00 24.14 ? 21 MLY A NZ  1 
HETATM 149 C CH1 . MLY A 1 21 ? -6.324  -11.393 -5.422  1.00 24.50 ? 21 MLY A CH1 1 
HETATM 150 C CH2 . MLY A 1 21 ? -3.998  -11.279 -6.167  1.00 24.36 ? 21 MLY A CH2 1 
HETATM 151 C C   . MLY A 1 21 ? -8.141  -4.104  -4.280  1.00 11.56 ? 21 MLY A C   1 
HETATM 152 O O   . MLY A 1 21 ? -7.753  -3.864  -3.138  1.00 11.10 ? 21 MLY A O   1 
ATOM   153 N N   . CYS A 1 22 ? -9.378  -3.849  -4.690  1.00 10.23 ? 22 CYS A N   1 
ATOM   154 C CA  . CYS A 1 22 ? -10.358 -3.332  -3.754  1.00 10.76 ? 22 CYS A CA  1 
ATOM   155 C C   . CYS A 1 22 ? -11.043 -4.547  -3.140  1.00 10.71 ? 22 CYS A C   1 
ATOM   156 O O   . CYS A 1 22 ? -11.514 -5.427  -3.860  1.00 11.65 ? 22 CYS A O   1 
ATOM   157 C CB  . CYS A 1 22 ? -11.416 -2.489  -4.466  1.00 11.72 ? 22 CYS A CB  1 
ATOM   158 S SG  . CYS A 1 22 ? -10.801 -0.917  -5.117  1.00 12.25 ? 22 CYS A SG  1 
ATOM   159 N N   . ILE A 1 23 ? -11.084 -4.605  -1.815  1.00 10.96 ? 23 ILE A N   1 
ATOM   160 C CA  . ILE A 1 23 ? -11.755 -5.710  -1.135  1.00 11.65 ? 23 ILE A CA  1 
ATOM   161 C C   . ILE A 1 23 ? -12.807 -5.086  -0.224  1.00 11.77 ? 23 ILE A C   1 
ATOM   162 O O   . ILE A 1 23 ? -12.472 -4.384  0.726   1.00 11.22 ? 23 ILE A O   1 
ATOM   163 C CB  . ILE A 1 23 ? -10.763 -6.537  -0.308  1.00 11.89 ? 23 ILE A CB  1 
ATOM   164 C CG1 . ILE A 1 23 ? -9.697  -7.124  -1.236  1.00 12.46 ? 23 ILE A CG1 1 
ATOM   165 C CG2 . ILE A 1 23 ? -11.503 -7.637  0.439   1.00 11.89 ? 23 ILE A CG2 1 
ATOM   166 C CD1 . ILE A 1 23 ? -8.705  -8.024  -0.539  1.00 13.40 ? 23 ILE A CD1 1 
ATOM   167 N N   . ASN A 1 24 ? -14.080 -5.344  -0.515  1.00 12.27 ? 24 ASN A N   1 
ATOM   168 C CA  . ASN A 1 24 ? -15.163 -4.754  0.268   1.00 13.49 ? 24 ASN A CA  1 
ATOM   169 C C   . ASN A 1 24 ? -14.953 -3.247  0.451   1.00 14.79 ? 24 ASN A C   1 
ATOM   170 O O   . ASN A 1 24 ? -15.064 -2.696  1.555   1.00 14.81 ? 24 ASN A O   1 
ATOM   171 C CB  . ASN A 1 24 ? -15.300 -5.472  1.617   1.00 13.90 ? 24 ASN A CB  1 
ATOM   172 C CG  . ASN A 1 24 ? -16.150 -6.722  1.513   1.00 14.62 ? 24 ASN A CG  1 
ATOM   173 O OD1 . ASN A 1 24 ? -16.535 -7.131  0.414   1.00 14.53 ? 24 ASN A OD1 1 
ATOM   174 N ND2 . ASN A 1 24 ? -16.451 -7.336  2.653   1.00 14.22 ? 24 ASN A ND2 1 
ATOM   175 N N   . SER A 1 25 ? -14.631 -2.596  -0.662  1.00 15.13 ? 25 SER A N   1 
ATOM   176 C CA  . SER A 1 25 ? -14.423 -1.156  -0.712  1.00 16.73 ? 25 SER A CA  1 
ATOM   177 C C   . SER A 1 25 ? -13.173 -0.625  -0.007  1.00 16.89 ? 25 SER A C   1 
ATOM   178 O O   . SER A 1 25 ? -13.102 0.561   0.309   1.00 17.16 ? 25 SER A O   1 
ATOM   179 C CB  . SER A 1 25 ? -15.668 -0.445  -0.170  1.00 18.20 ? 25 SER A CB  1 
ATOM   180 O OG  . SER A 1 25 ? -16.830 -0.875  -0.864  1.00 21.37 ? 25 SER A OG  1 
HETATM 181 N N   . MLY A 1 26 ? -12.194 -1.493  0.238   1.00 16.25 ? 26 MLY A N   1 
HETATM 182 C CA  . MLY A 1 26 ? -10.949 -1.074  0.877   1.00 16.92 ? 26 MLY A CA  1 
HETATM 183 C CB  . MLY A 1 26 ? -10.792 -1.722  2.257   1.00 19.98 ? 26 MLY A CB  1 
HETATM 184 C CG  . MLY A 1 26 ? -11.900 -1.399  3.249   1.00 24.48 ? 26 MLY A CG  1 
HETATM 185 C CD  . MLY A 1 26 ? -11.638 -2.087  4.582   1.00 28.30 ? 26 MLY A CD  1 
HETATM 186 C CE  . MLY A 1 26 ? -12.843 -2.046  5.521   1.00 31.51 ? 26 MLY A CE  1 
HETATM 187 N NZ  . MLY A 1 26 ? -13.121 -0.709  6.126   1.00 34.29 ? 26 MLY A NZ  1 
HETATM 188 C CH1 . MLY A 1 26 ? -13.553 0.418   5.245   1.00 34.72 ? 26 MLY A CH1 1 
HETATM 189 C CH2 . MLY A 1 26 ? -14.209 -0.918  7.129   1.00 34.47 ? 26 MLY A CH2 1 
HETATM 190 C C   . MLY A 1 26 ? -9.763  -1.471  0.004   1.00 15.66 ? 26 MLY A C   1 
HETATM 191 O O   . MLY A 1 26 ? -9.631  -2.630  -0.387  1.00 15.15 ? 26 MLY A O   1 
ATOM   192 N N   . CYS A 1 27 ? -8.895  -0.511  -0.291  1.00 14.54 ? 27 CYS A N   1 
ATOM   193 C CA  . CYS A 1 27 ? -7.727  -0.778  -1.115  1.00 12.56 ? 27 CYS A CA  1 
ATOM   194 C C   . CYS A 1 27 ? -6.679  -1.578  -0.365  1.00 12.93 ? 27 CYS A C   1 
ATOM   195 O O   . CYS A 1 27 ? -6.185  -1.152  0.686   1.00 13.40 ? 27 CYS A O   1 
ATOM   196 C CB  . CYS A 1 27 ? -7.113  0.538   -1.611  1.00 11.51 ? 27 CYS A CB  1 
ATOM   197 S SG  . CYS A 1 27 ? -5.629  0.323   -2.642  1.00 11.30 ? 27 CYS A SG  1 
HETATM 198 N N   . MLY A 1 28 ? -6.351  -2.747  -0.902  1.00 12.68 ? 28 MLY A N   1 
HETATM 199 C CA  . MLY A 1 28 ? -5.341  -3.609  -0.304  1.00 13.12 ? 28 MLY A CA  1 
HETATM 200 C CB  . MLY A 1 28 ? -5.948  -4.956  0.082   1.00 14.68 ? 28 MLY A CB  1 
HETATM 201 C CG  . MLY A 1 28 ? -4.940  -5.904  0.696   1.00 18.89 ? 28 MLY A CG  1 
HETATM 202 C CD  . MLY A 1 28 ? -5.586  -7.210  1.102   1.00 21.34 ? 28 MLY A CD  1 
HETATM 203 C CE  . MLY A 1 28 ? -4.675  -7.980  2.045   1.00 24.67 ? 28 MLY A CE  1 
HETATM 204 N NZ  . MLY A 1 28 ? -5.262  -9.266  2.492   1.00 26.75 ? 28 MLY A NZ  1 
HETATM 205 C CH1 . MLY A 1 28 ? -6.602  -9.047  3.120   1.00 28.03 ? 28 MLY A CH1 1 
HETATM 206 C CH2 . MLY A 1 28 ? -5.425  -10.139 1.302   1.00 28.18 ? 28 MLY A CH2 1 
HETATM 207 C C   . MLY A 1 28 ? -4.210  -3.830  -1.305  1.00 12.79 ? 28 MLY A C   1 
HETATM 208 O O   . MLY A 1 28 ? -4.449  -4.198  -2.450  1.00 12.06 ? 28 MLY A O   1 
ATOM   209 N N   . CYS A 1 29 ? -2.975  -3.594  -0.879  1.00 12.70 ? 29 CYS A N   1 
ATOM   210 C CA  . CYS A 1 29 ? -1.839  -3.790  -1.772  1.00 12.55 ? 29 CYS A CA  1 
ATOM   211 C C   . CYS A 1 29 ? -1.232  -5.175  -1.585  1.00 13.78 ? 29 CYS A C   1 
ATOM   212 O O   . CYS A 1 29 ? -1.357  -5.767  -0.511  1.00 14.87 ? 29 CYS A O   1 
ATOM   213 C CB  . CYS A 1 29 ? -0.764  -2.744  -1.501  1.00 11.62 ? 29 CYS A CB  1 
ATOM   214 S SG  . CYS A 1 29 ? -1.280  -1.011  -1.663  1.00 10.22 ? 29 CYS A SG  1 
ATOM   215 N N   . TYR A 1 30 ? -0.570  -5.675  -2.626  1.00 13.94 ? 30 TYR A N   1 
ATOM   216 C CA  . TYR A 1 30 ? 0.076   -6.987  -2.593  1.00 14.11 ? 30 TYR A CA  1 
ATOM   217 C C   . TYR A 1 30 ? 1.521   -6.953  -3.082  1.00 13.66 ? 30 TYR A C   1 
ATOM   218 O O   . TYR A 1 30 ? 1.873   -6.153  -3.939  1.00 13.11 ? 30 TYR A O   1 
ATOM   219 C CB  . TYR A 1 30 ? -0.691  -7.990  -3.462  1.00 14.50 ? 30 TYR A CB  1 
ATOM   220 C CG  . TYR A 1 30 ? -2.060  -8.341  -2.935  1.00 17.02 ? 30 TYR A CG  1 
ATOM   221 C CD1 . TYR A 1 30 ? -3.116  -7.438  -3.024  1.00 17.48 ? 30 TYR A CD1 1 
ATOM   222 C CD2 . TYR A 1 30 ? -2.296  -9.573  -2.329  1.00 18.07 ? 30 TYR A CD2 1 
ATOM   223 C CE1 . TYR A 1 30 ? -4.370  -7.749  -2.524  1.00 18.71 ? 30 TYR A CE1 1 
ATOM   224 C CE2 . TYR A 1 30 ? -3.552  -9.893  -1.820  1.00 19.80 ? 30 TYR A CE2 1 
ATOM   225 C CZ  . TYR A 1 30 ? -4.584  -8.978  -1.923  1.00 19.78 ? 30 TYR A CZ  1 
ATOM   226 O OH  . TYR A 1 30 ? -5.834  -9.295  -1.428  1.00 21.97 ? 30 TYR A OH  1 
HETATM 227 N N   . MLY A 1 31 ? 2.355   -7.837  -2.541  1.00 14.04 ? 31 MLY A N   1 
HETATM 228 C CA  . MLY A 1 31 ? 3.746   -7.917  -2.968  1.00 15.92 ? 31 MLY A CA  1 
HETATM 229 C CB  . MLY A 1 31 ? 4.588   -6.789  -2.343  1.00 16.20 ? 31 MLY A CB  1 
HETATM 230 C CG  . MLY A 1 31 ? 4.995   -6.992  -0.892  1.00 16.76 ? 31 MLY A CG  1 
HETATM 231 C CD  . MLY A 1 31 ? 5.598   -5.712  -0.291  1.00 16.45 ? 31 MLY A CD  1 
HETATM 232 C CE  . MLY A 1 31 ? 6.755   -5.187  -1.125  1.00 17.01 ? 31 MLY A CE  1 
HETATM 233 N NZ  . MLY A 1 31 ? 7.395   -3.974  -0.553  1.00 16.55 ? 31 MLY A NZ  1 
HETATM 234 C CH1 . MLY A 1 31 ? 8.494   -3.626  -1.496  1.00 17.53 ? 31 MLY A CH1 1 
HETATM 235 C CH2 . MLY A 1 31 ? 6.499   -2.785  -0.417  1.00 16.65 ? 31 MLY A CH2 1 
HETATM 236 C C   . MLY A 1 31 ? 4.323   -9.285  -2.610  1.00 16.94 ? 31 MLY A C   1 
HETATM 237 O O   . MLY A 1 31 ? 5.300   -9.703  -3.269  1.00 17.88 ? 31 MLY A O   1 
HETATM 238 O OXT . MLY A 1 31 ? 3.784   -9.921  -1.677  1.00 16.71 ? 31 MLY A OXT 1 
HETATM 239 C CB  . LAL B 1 1  ? 2.029   12.215  -0.605  1.00 20.82 ? 1  LAL B CB  1 
HETATM 240 C C   . LAL B 1 1  ? 1.908   10.592  -2.507  1.00 20.28 ? 1  LAL B C   1 
HETATM 241 O O   . LAL B 1 1  ? 0.891   9.950   -2.248  1.00 20.58 ? 1  LAL B O   1 
HETATM 242 N N   . LAL B 1 1  ? 0.889   12.864  -2.702  1.00 20.99 ? 1  LAL B N   1 
HETATM 243 C CA  . LAL B 1 1  ? 2.016   12.072  -2.127  1.00 21.10 ? 1  LAL B CA  1 
ATOM   244 N N   . ALA B 1 2  ? 2.962   10.054  -3.112  1.00 19.19 ? 2  ALA B N   1 
ATOM   245 C CA  . ALA B 1 2  ? 2.966   8.647   -3.510  1.00 17.71 ? 2  ALA B CA  1 
ATOM   246 C C   . ALA B 1 2  ? 3.108   7.740   -2.293  1.00 16.98 ? 2  ALA B C   1 
ATOM   247 O O   . ALA B 1 2  ? 2.545   6.647   -2.253  1.00 16.12 ? 2  ALA B O   1 
ATOM   248 C CB  . ALA B 1 2  ? 4.101   8.380   -4.492  1.00 18.18 ? 2  ALA B CB  1 
ATOM   249 N N   . CYS B 1 3  ? 3.857   8.203   -1.297  1.00 15.92 ? 3  CYS B N   1 
ATOM   250 C CA  . CYS B 1 3  ? 4.074   7.416   -0.088  1.00 15.28 ? 3  CYS B CA  1 
ATOM   251 C C   . CYS B 1 3  ? 3.838   8.211   1.190   1.00 15.00 ? 3  CYS B C   1 
ATOM   252 O O   . CYS B 1 3  ? 4.555   9.175   1.469   1.00 14.40 ? 3  CYS B O   1 
ATOM   253 C CB  . CYS B 1 3  ? 5.515   6.870   -0.063  1.00 14.80 ? 3  CYS B CB  1 
ATOM   254 S SG  . CYS B 1 3  ? 5.841   5.523   1.130   1.00 14.38 ? 3  CYS B SG  1 
ATOM   255 N N   . TYR B 1 4  ? 2.817   7.817   1.948   1.00 13.88 ? 4  TYR B N   1 
ATOM   256 C CA  . TYR B 1 4  ? 2.519   8.419   3.248   1.00 13.09 ? 4  TYR B CA  1 
ATOM   257 C C   . TYR B 1 4  ? 3.084   7.371   4.192   1.00 12.67 ? 4  TYR B C   1 
ATOM   258 O O   . TYR B 1 4  ? 2.817   6.189   4.016   1.00 12.43 ? 4  TYR B O   1 
ATOM   259 C CB  . TYR B 1 4  ? 1.014   8.508   3.516   1.00 14.62 ? 4  TYR B CB  1 
ATOM   260 C CG  . TYR B 1 4  ? 0.260   9.573   2.759   1.00 16.53 ? 4  TYR B CG  1 
ATOM   261 C CD1 . TYR B 1 4  ? -0.087  9.398   1.422   1.00 17.53 ? 4  TYR B CD1 1 
ATOM   262 C CD2 . TYR B 1 4  ? -0.133  10.749  3.395   1.00 16.77 ? 4  TYR B CD2 1 
ATOM   263 C CE1 . TYR B 1 4  ? -0.811  10.374  0.735   1.00 19.21 ? 4  TYR B CE1 1 
ATOM   264 C CE2 . TYR B 1 4  ? -0.854  11.723  2.725   1.00 17.84 ? 4  TYR B CE2 1 
ATOM   265 C CZ  . TYR B 1 4  ? -1.188  11.534  1.397   1.00 19.37 ? 4  TYR B CZ  1 
ATOM   266 O OH  . TYR B 1 4  ? -1.880  12.520  0.733   1.00 20.30 ? 4  TYR B OH  1 
ATOM   267 N N   . SER B 1 5  ? 3.863   7.787   5.188   0.50 12.16 ? 5  SER B N   1 
ATOM   268 C CA  . SER B 1 5  ? 4.441   6.825   6.122   0.50 11.96 ? 5  SER B CA  1 
ATOM   269 C C   . SER B 1 5  ? 3.362   6.008   6.837   0.50 11.85 ? 5  SER B C   1 
ATOM   270 O O   . SER B 1 5  ? 3.527   4.807   7.054   0.50 11.06 ? 5  SER B O   1 
ATOM   271 C CB  . SER B 1 5  ? 5.325   7.534   7.154   0.50 12.73 ? 5  SER B CB  1 
ATOM   272 O OG  A SER B 1 5  ? 4.568   8.368   8.010   0.50 13.96 ? 5  SER B OG  1 
ATOM   273 O OG  B SER B 1 5  ? 6.347   8.304   6.610   0.50 13.66 ? 5  SER B OG  1 
ATOM   274 N N   . SER B 1 6  ? 2.260   6.657   7.208   1.00 11.48 ? 6  SER B N   1 
ATOM   275 C CA  . SER B 1 6  ? 1.175   5.957   7.888   1.00 11.14 ? 6  SER B CA  1 
ATOM   276 C C   . SER B 1 6  ? 0.491   4.949   6.976   1.00 10.96 ? 6  SER B C   1 
ATOM   277 O O   . SER B 1 6  ? 0.183   3.837   7.401   1.00 10.68 ? 6  SER B O   1 
ATOM   278 C CB  . SER B 1 6  ? 0.139   6.948   8.428   1.00 10.82 ? 6  SER B CB  1 
ATOM   279 O OG  . SER B 1 6  ? -0.253  7.881   7.439   1.00 13.44 ? 6  SER B OG  1 
ATOM   280 N N   . ASP B 1 7  ? 0.259   5.343   5.725   1.00 10.30 ? 7  ASP B N   1 
ATOM   281 C CA  . ASP B 1 7  ? -0.387  4.468   4.747   1.00 10.26 ? 7  ASP B CA  1 
ATOM   282 C C   . ASP B 1 7  ? 0.508   3.266   4.454   1.00 9.93  ? 7  ASP B C   1 
ATOM   283 O O   . ASP B 1 7  ? 0.036   2.132   4.341   1.00 9.13  ? 7  ASP B O   1 
ATOM   284 C CB  . ASP B 1 7  ? -0.673  5.249   3.458   1.00 10.67 ? 7  ASP B CB  1 
ATOM   285 C CG  . ASP B 1 7  ? -1.491  4.448   2.451   1.00 12.17 ? 7  ASP B CG  1 
ATOM   286 O OD1 . ASP B 1 7  ? -2.520  3.855   2.841   1.00 11.82 ? 7  ASP B OD1 1 
ATOM   287 O OD2 . ASP B 1 7  ? -1.115  4.423   1.265   1.00 13.08 ? 7  ASP B OD2 1 
ATOM   288 N N   . CYS B 1 8  ? 1.804   3.519   4.332   1.00 9.65  ? 8  CYS B N   1 
ATOM   289 C CA  . CYS B 1 8  ? 2.772   2.455   4.081   1.00 9.78  ? 8  CYS B CA  1 
ATOM   290 C C   . CYS B 1 8  ? 2.767   1.476   5.248   1.00 8.97  ? 8  CYS B C   1 
ATOM   291 O O   . CYS B 1 8  ? 2.714   0.259   5.064   1.00 8.91  ? 8  CYS B O   1 
ATOM   292 C CB  . CYS B 1 8  ? 4.164   3.062   3.921   1.00 9.18  ? 8  CYS B CB  1 
ATOM   293 S SG  . CYS B 1 8  ? 5.572   1.908   3.913   1.00 9.98  ? 8  CYS B SG  1 
ATOM   294 N N   . ARG B 1 9  ? 2.818   2.021   6.453   1.00 8.81  ? 9  ARG B N   1 
ATOM   295 C CA  . ARG B 1 9  ? 2.825   1.203   7.654   1.00 9.66  ? 9  ARG B CA  1 
ATOM   296 C C   . ARG B 1 9  ? 1.626   0.252   7.729   1.00 10.35 ? 9  ARG B C   1 
ATOM   297 O O   . ARG B 1 9  ? 1.795   -0.951  7.922   1.00 11.14 ? 9  ARG B O   1 
ATOM   298 C CB  . ARG B 1 9  ? 2.877   2.109   8.897   1.00 10.49 ? 9  ARG B CB  1 
ATOM   299 C CG  . ARG B 1 9  ? 2.750   1.361   10.222  1.00 11.43 ? 9  ARG B CG  1 
ATOM   300 C CD  . ARG B 1 9  ? 3.133   2.237   11.406  1.00 10.72 ? 9  ARG B CD  1 
ATOM   301 N NE  . ARG B 1 9  ? 2.515   3.558   11.372  1.00 9.46  ? 9  ARG B NE  1 
ATOM   302 C CZ  . ARG B 1 9  ? 1.266   3.833   11.747  1.00 8.65  ? 9  ARG B CZ  1 
ATOM   303 N NH1 . ARG B 1 9  ? 0.459   2.877   12.196  1.00 8.25  ? 9  ARG B NH1 1 
ATOM   304 N NH2 . ARG B 1 9  ? 0.825   5.079   11.670  1.00 8.61  ? 9  ARG B NH2 1 
ATOM   305 N N   . VAL B 1 10 ? 0.421   0.783   7.565   1.00 10.87 ? 10 VAL B N   1 
ATOM   306 C CA  . VAL B 1 10 ? -0.773  -0.051  7.643   1.00 12.13 ? 10 VAL B CA  1 
ATOM   307 C C   . VAL B 1 10 ? -0.941  -1.004  6.454   1.00 11.76 ? 10 VAL B C   1 
ATOM   308 O O   . VAL B 1 10 ? -1.474  -2.096  6.613   1.00 11.57 ? 10 VAL B O   1 
ATOM   309 C CB  . VAL B 1 10 ? -2.043  0.822   7.838   1.00 12.69 ? 10 VAL B CB  1 
ATOM   310 C CG1 . VAL B 1 10 ? -1.863  1.715   9.070   1.00 13.72 ? 10 VAL B CG1 1 
ATOM   311 C CG2 . VAL B 1 10 ? -2.304  1.659   6.618   1.00 13.83 ? 10 VAL B CG2 1 
HETATM 312 N N   . MLY B 1 11 ? -0.468  -0.616  5.272   1.00 11.21 ? 11 MLY B N   1 
HETATM 313 C CA  . MLY B 1 11 ? -0.567  -1.505  4.119   1.00 10.44 ? 11 MLY B CA  1 
HETATM 314 C CB  . MLY B 1 11 ? -0.322  -0.725  2.826   1.00 11.03 ? 11 MLY B CB  1 
HETATM 315 C CG  . MLY B 1 11 ? -1.555  0.106   2.452   1.00 11.70 ? 11 MLY B CG  1 
HETATM 316 C CD  . MLY B 1 11 ? -1.376  0.945   1.204   1.00 11.49 ? 11 MLY B CD  1 
HETATM 317 C CE  . MLY B 1 11 ? -2.723  1.497   0.750   1.00 13.00 ? 11 MLY B CE  1 
HETATM 318 N NZ  . MLY B 1 11 ? -2.620  2.562   -0.296  1.00 12.82 ? 11 MLY B NZ  1 
HETATM 319 C CH1 . MLY B 1 11 ? -2.087  2.174   -1.628  1.00 14.56 ? 11 MLY B CH1 1 
HETATM 320 C CH2 . MLY B 1 11 ? -3.974  3.158   -0.464  1.00 14.73 ? 11 MLY B CH2 1 
HETATM 321 C C   . MLY B 1 11 ? 0.423   -2.657  4.298   1.00 9.96  ? 11 MLY B C   1 
HETATM 322 O O   . MLY B 1 11 ? 0.191   -3.782  3.849   1.00 10.15 ? 11 MLY B O   1 
ATOM   323 N N   . CYS B 1 12 ? 1.521   -2.382  4.987   1.00 9.27  ? 12 CYS B N   1 
ATOM   324 C CA  . CYS B 1 12 ? 2.494   -3.429  5.248   1.00 10.04 ? 12 CYS B CA  1 
ATOM   325 C C   . CYS B 1 12 ? 1.903   -4.384  6.289   1.00 10.32 ? 12 CYS B C   1 
ATOM   326 O O   . CYS B 1 12 ? 2.033   -5.599  6.173   1.00 10.00 ? 12 CYS B O   1 
ATOM   327 C CB  . CYS B 1 12 ? 3.793   -2.837  5.776   1.00 9.39  ? 12 CYS B CB  1 
ATOM   328 S SG  . CYS B 1 12 ? 4.822   -1.991  4.534   1.00 10.56 ? 12 CYS B SG  1 
ATOM   329 N N   . VAL B 1 13 ? 1.245   -3.829  7.302   1.00 10.60 ? 13 VAL B N   1 
ATOM   330 C CA  . VAL B 1 13 ? 0.644   -4.662  8.337   1.00 10.63 ? 13 VAL B CA  1 
ATOM   331 C C   . VAL B 1 13 ? -0.427  -5.568  7.730   1.00 11.43 ? 13 VAL B C   1 
ATOM   332 O O   . VAL B 1 13 ? -0.563  -6.736  8.121   1.00 11.41 ? 13 VAL B O   1 
ATOM   333 C CB  . VAL B 1 13 ? 0.036   -3.791  9.463   1.00 10.20 ? 13 VAL B CB  1 
ATOM   334 C CG1 . VAL B 1 13 ? -0.825  -4.636  10.386  1.00 10.70 ? 13 VAL B CG1 1 
ATOM   335 C CG2 . VAL B 1 13 ? 1.162   -3.144  10.263  1.00 9.85  ? 13 VAL B CG2 1 
ATOM   336 N N   . ALA B 1 14 ? -1.166  -5.042  6.757   1.00 11.74 ? 14 ALA B N   1 
ATOM   337 C CA  . ALA B 1 14 ? -2.212  -5.825  6.099   1.00 12.56 ? 14 ALA B CA  1 
ATOM   338 C C   . ALA B 1 14 ? -1.633  -7.018  5.345   1.00 13.38 ? 14 ALA B C   1 
ATOM   339 O O   . ALA B 1 14 ? -2.346  -7.981  5.049   1.00 13.33 ? 14 ALA B O   1 
ATOM   340 C CB  . ALA B 1 14 ? -3.005  -4.945  5.137   1.00 13.38 ? 14 ALA B CB  1 
ATOM   341 N N   . MET B 1 15 ? -0.341  -6.930  5.028   1.00 12.71 ? 15 MET B N   1 
ATOM   342 C CA  . MET B 1 15 ? 0.388   -7.975  4.316   1.00 12.50 ? 15 MET B CA  1 
ATOM   343 C C   . MET B 1 15 ? 1.203   -8.868  5.253   1.00 12.36 ? 15 MET B C   1 
ATOM   344 O O   . MET B 1 15 ? 2.080   -9.609  4.803   1.00 12.61 ? 15 MET B O   1 
ATOM   345 C CB  A MET B 1 15 ? 1.331   -7.356  3.277   0.50 11.72 ? 15 MET B CB  1 
ATOM   346 C CB  B MET B 1 15 ? 1.225   -7.464  3.263   0.50 16.28 ? 15 MET B CB  1 
ATOM   347 C CG  A MET B 1 15 ? 0.685   -7.011  1.939   0.50 10.57 ? 15 MET B CG  1 
ATOM   348 C CG  B MET B 1 15 ? 1.395   -8.352  2.059   0.50 18.96 ? 15 MET B CG  1 
ATOM   349 S SD  A MET B 1 15 ? 0.189   -8.471  0.985   0.50 11.11 ? 15 MET B SD  1 
ATOM   350 S SD  B MET B 1 15 ? 2.297   -7.486  0.795   0.50 22.30 ? 15 MET B SD  1 
ATOM   351 C CE  A MET B 1 15 ? -1.544  -8.468  1.274   0.50 9.54  ? 15 MET B CE  1 
ATOM   352 C CE  B MET B 1 15 ? 1.171   -6.189  0.445   0.50 20.55 ? 15 MET B CE  1 
ATOM   353 N N   . GLY B 1 16 ? 0.931   -8.785  6.553   1.00 12.97 ? 16 GLY B N   1 
ATOM   354 C CA  . GLY B 1 16 ? 1.644   -9.620  7.506   1.00 12.35 ? 16 GLY B CA  1 
ATOM   355 C C   . GLY B 1 16 ? 2.975   -9.131  8.053   1.00 12.78 ? 16 GLY B C   1 
ATOM   356 O O   . GLY B 1 16 ? 3.667   -9.886  8.735   1.00 13.44 ? 16 GLY B O   1 
ATOM   357 N N   . PHE B 1 17 ? 3.344   -7.887  7.759   1.00 11.95 ? 17 PHE B N   1 
ATOM   358 C CA  . PHE B 1 17 ? 4.602   -7.326  8.261   1.00 10.88 ? 17 PHE B CA  1 
ATOM   359 C C   . PHE B 1 17 ? 4.321   -6.602  9.573   1.00 10.61 ? 17 PHE B C   1 
ATOM   360 O O   . PHE B 1 17 ? 3.165   -6.365  9.920   1.00 10.76 ? 17 PHE B O   1 
ATOM   361 C CB  . PHE B 1 17 ? 5.197   -6.329  7.264   1.00 11.37 ? 17 PHE B CB  1 
ATOM   362 C CG  . PHE B 1 17 ? 5.675   -6.947  5.977   1.00 12.23 ? 17 PHE B CG  1 
ATOM   363 C CD1 . PHE B 1 17 ? 4.817   -7.074  4.890   1.00 13.54 ? 17 PHE B CD1 1 
ATOM   364 C CD2 . PHE B 1 17 ? 7.000   -7.371  5.842   1.00 13.50 ? 17 PHE B CD2 1 
ATOM   365 C CE1 . PHE B 1 17 ? 5.268   -7.611  3.676   1.00 13.91 ? 17 PHE B CE1 1 
ATOM   366 C CE2 . PHE B 1 17 ? 7.461   -7.912  4.633   1.00 13.53 ? 17 PHE B CE2 1 
ATOM   367 C CZ  . PHE B 1 17 ? 6.592   -8.028  3.551   1.00 13.72 ? 17 PHE B CZ  1 
ATOM   368 N N   . SER B 1 18 ? 5.374   -6.239  10.300  1.00 10.02 ? 18 SER B N   1 
ATOM   369 C CA  . SER B 1 18 ? 5.194   -5.540  11.572  1.00 11.20 ? 18 SER B CA  1 
ATOM   370 C C   . SER B 1 18 ? 5.012   -4.042  11.378  1.00 11.24 ? 18 SER B C   1 
ATOM   371 O O   . SER B 1 18 ? 4.271   -3.379  12.118  1.00 10.95 ? 18 SER B O   1 
ATOM   372 C CB  . SER B 1 18 ? 6.390   -5.793  12.496  1.00 10.34 ? 18 SER B CB  1 
ATOM   373 O OG  . SER B 1 18 ? 6.406   -7.140  12.933  1.00 13.15 ? 18 SER B OG  1 
ATOM   374 N N   . SER B 1 19 ? 5.698   -3.504  10.380  1.00 10.76 ? 19 SER B N   1 
ATOM   375 C CA  . SER B 1 19 ? 5.600   -2.091  10.087  1.00 11.42 ? 19 SER B CA  1 
ATOM   376 C C   . SER B 1 19 ? 6.121   -1.805  8.688   1.00 11.51 ? 19 SER B C   1 
ATOM   377 O O   . SER B 1 19 ? 6.403   -2.719  7.905   1.00 10.15 ? 19 SER B O   1 
ATOM   378 C CB  . SER B 1 19 ? 6.405   -1.278  11.108  1.00 11.09 ? 19 SER B CB  1 
ATOM   379 O OG  . SER B 1 19 ? 6.035   0.090   11.048  1.00 12.74 ? 19 SER B OG  1 
ATOM   380 N N   . GLY B 1 20 ? 6.233   -0.518  8.390   1.00 12.08 ? 20 GLY B N   1 
ATOM   381 C CA  . GLY B 1 20 ? 6.731   -0.084  7.101   1.00 12.52 ? 20 GLY B CA  1 
ATOM   382 C C   . GLY B 1 20 ? 7.099   1.381   7.164   1.00 12.80 ? 20 GLY B C   1 
ATOM   383 O O   . GLY B 1 20 ? 6.522   2.133   7.950   1.00 13.53 ? 20 GLY B O   1 
HETATM 384 N N   . MLY B 1 21 ? 8.064   1.788   6.347   1.00 13.16 ? 21 MLY B N   1 
HETATM 385 C CA  . MLY B 1 21 ? 8.489   3.180   6.308   1.00 13.95 ? 21 MLY B CA  1 
HETATM 386 C CB  . MLY B 1 21 ? 9.825   3.371   7.033   1.00 16.20 ? 21 MLY B CB  1 
HETATM 387 C CG  . MLY B 1 21 ? 9.875   2.854   8.449   1.00 18.73 ? 21 MLY B CG  1 
HETATM 388 C CD  . MLY B 1 21 ? 11.320  2.804   8.925   1.00 21.21 ? 21 MLY B CD  1 
HETATM 389 C CE  . MLY B 1 21 ? 11.421  2.197   10.315  1.00 24.53 ? 21 MLY B CE  1 
HETATM 390 N NZ  . MLY B 1 21 ? 12.830  1.930   10.722  1.00 25.92 ? 21 MLY B NZ  1 
HETATM 391 C CH1 . MLY B 1 21 ? 13.664  3.164   10.756  1.00 27.31 ? 21 MLY B CH1 1 
HETATM 392 C CH2 . MLY B 1 21 ? 12.703  1.352   12.086  1.00 27.19 ? 21 MLY B CH2 1 
HETATM 393 C C   . MLY B 1 21 ? 8.685   3.584   4.864   1.00 13.24 ? 21 MLY B C   1 
HETATM 394 O O   . MLY B 1 21 ? 8.985   2.740   4.019   1.00 12.53 ? 21 MLY B O   1 
ATOM   395 N N   . CYS B 1 22 ? 8.509   4.873   4.588   1.00 11.55 ? 22 CYS B N   1 
ATOM   396 C CA  . CYS B 1 22 ? 8.727   5.385   3.248   1.00 11.29 ? 22 CYS B CA  1 
ATOM   397 C C   . CYS B 1 22 ? 10.206  5.714   3.106   1.00 11.12 ? 22 CYS B C   1 
ATOM   398 O O   . CYS B 1 22 ? 10.775  6.419   3.939   1.00 10.71 ? 22 CYS B O   1 
ATOM   399 C CB  . CYS B 1 22 ? 7.918   6.659   3.004   1.00 11.02 ? 22 CYS B CB  1 
ATOM   400 S SG  . CYS B 1 22 ? 6.118   6.411   2.932   1.00 13.51 ? 22 CYS B SG  1 
ATOM   401 N N   . ILE B 1 23 ? 10.830  5.192   2.058   1.00 11.10 ? 23 ILE B N   1 
ATOM   402 C CA  . ILE B 1 23 ? 12.239  5.473   1.796   1.00 11.61 ? 23 ILE B CA  1 
ATOM   403 C C   . ILE B 1 23 ? 12.283  5.986   0.361   1.00 13.01 ? 23 ILE B C   1 
ATOM   404 O O   . ILE B 1 23 ? 12.035  5.232   -0.582  1.00 12.53 ? 23 ILE B O   1 
ATOM   405 C CB  . ILE B 1 23 ? 13.110  4.210   1.945   1.00 11.76 ? 23 ILE B CB  1 
ATOM   406 C CG1 . ILE B 1 23 ? 12.989  3.666   3.371   1.00 9.63  ? 23 ILE B CG1 1 
ATOM   407 C CG2 . ILE B 1 23 ? 14.571  4.543   1.639   1.00 11.66 ? 23 ILE B CG2 1 
ATOM   408 C CD1 . ILE B 1 23 ? 13.737  2.393   3.603   1.00 9.73  ? 23 ILE B CD1 1 
ATOM   409 N N   . ASN B 1 24 ? 12.587  7.272   0.209   1.00 14.03 ? 24 ASN B N   1 
ATOM   410 C CA  . ASN B 1 24 ? 12.611  7.910   -1.106  1.00 15.59 ? 24 ASN B CA  1 
ATOM   411 C C   . ASN B 1 24 ? 11.298  7.681   -1.848  1.00 16.32 ? 24 ASN B C   1 
ATOM   412 O O   . ASN B 1 24 ? 11.283  7.311   -3.025  1.00 16.53 ? 24 ASN B O   1 
ATOM   413 C CB  . ASN B 1 24 ? 13.789  7.408   -1.942  1.00 15.87 ? 24 ASN B CB  1 
ATOM   414 C CG  . ASN B 1 24 ? 15.098  8.051   -1.533  1.00 16.83 ? 24 ASN B CG  1 
ATOM   415 O OD1 . ASN B 1 24 ? 15.110  9.072   -0.845  1.00 15.99 ? 24 ASN B OD1 1 
ATOM   416 N ND2 . ASN B 1 24 ? 16.208  7.467   -1.969  1.00 18.06 ? 24 ASN B ND2 1 
ATOM   417 N N   . SER B 1 25 ? 10.197  7.900   -1.135  1.00 16.61 ? 25 SER B N   1 
ATOM   418 C CA  . SER B 1 25 ? 8.851   7.760   -1.687  1.00 17.37 ? 25 SER B CA  1 
ATOM   419 C C   . SER B 1 25 ? 8.432   6.338   -2.050  1.00 17.01 ? 25 SER B C   1 
ATOM   420 O O   . SER B 1 25 ? 7.426   6.137   -2.732  1.00 17.50 ? 25 SER B O   1 
ATOM   421 C CB  . SER B 1 25 ? 8.684   8.683   -2.902  1.00 17.70 ? 25 SER B CB  1 
ATOM   422 O OG  . SER B 1 25 ? 8.750   10.044  -2.510  1.00 17.97 ? 25 SER B OG  1 
HETATM 423 N N   . MLY B 1 26 ? 9.205   5.351   -1.615  1.00 16.48 ? 26 MLY B N   1 
HETATM 424 C CA  . MLY B 1 26 ? 8.852   3.963   -1.872  1.00 16.03 ? 26 MLY B CA  1 
HETATM 425 C CB  . MLY B 1 26 ? 9.956   3.228   -2.638  1.00 18.76 ? 26 MLY B CB  1 
HETATM 426 C CG  . MLY B 1 26 ? 9.584   1.779   -2.944  1.00 21.48 ? 26 MLY B CG  1 
HETATM 427 C CD  . MLY B 1 26 ? 10.759  0.957   -3.456  1.00 24.36 ? 26 MLY B CD  1 
HETATM 428 C CE  . MLY B 1 26 ? 11.269  1.452   -4.798  1.00 25.68 ? 26 MLY B CE  1 
HETATM 429 N NZ  . MLY B 1 26 ? 12.297  0.531   -5.380  1.00 27.65 ? 26 MLY B NZ  1 
HETATM 430 C CH1 . MLY B 1 26 ? 13.514  0.319   -4.549  1.00 27.69 ? 26 MLY B CH1 1 
HETATM 431 C CH2 . MLY B 1 26 ? 11.728  -0.818  -5.681  1.00 28.00 ? 26 MLY B CH2 1 
HETATM 432 C C   . MLY B 1 26 ? 8.655   3.279   -0.525  1.00 14.81 ? 26 MLY B C   1 
HETATM 433 O O   . MLY B 1 26 ? 9.519   3.342   0.341   1.00 14.76 ? 26 MLY B O   1 
ATOM   434 N N   . CYS B 1 27 ? 7.521   2.618   -0.357  1.00 12.89 ? 27 CYS B N   1 
ATOM   435 C CA  . CYS B 1 27 ? 7.221   1.922   0.885   1.00 12.35 ? 27 CYS B CA  1 
ATOM   436 C C   . CYS B 1 27 ? 8.056   0.657   1.082   1.00 12.39 ? 27 CYS B C   1 
ATOM   437 O O   . CYS B 1 27 ? 8.164   -0.172  0.177   1.00 12.41 ? 27 CYS B O   1 
ATOM   438 C CB  . CYS B 1 27 ? 5.735   1.555   0.908   1.00 11.91 ? 27 CYS B CB  1 
ATOM   439 S SG  . CYS B 1 27 ? 5.161   0.652   2.381   1.00 10.47 ? 27 CYS B SG  1 
HETATM 440 N N   . MLY B 1 28 ? 8.651   0.518   2.265   1.00 11.68 ? 28 MLY B N   1 
HETATM 441 C CA  . MLY B 1 28 ? 9.433   -0.667  2.594   1.00 12.85 ? 28 MLY B CA  1 
HETATM 442 C CB  . MLY B 1 28 ? 10.905  -0.326  2.840   1.00 14.72 ? 28 MLY B CB  1 
HETATM 443 C CG  . MLY B 1 28 ? 11.705  -1.532  3.333   1.00 17.62 ? 28 MLY B CG  1 
HETATM 444 C CD  . MLY B 1 28 ? 13.186  -1.345  3.121   1.00 21.31 ? 28 MLY B CD  1 
HETATM 445 C CE  . MLY B 1 28 ? 13.977  -2.527  3.664   1.00 24.90 ? 28 MLY B CE  1 
HETATM 446 N NZ  . MLY B 1 28 ? 15.362  -2.558  3.102   1.00 27.00 ? 28 MLY B NZ  1 
HETATM 447 C CH1 . MLY B 1 28 ? 16.083  -1.271  3.308   1.00 28.21 ? 28 MLY B CH1 1 
HETATM 448 C CH2 . MLY B 1 28 ? 16.124  -3.668  3.736   1.00 27.23 ? 28 MLY B CH2 1 
HETATM 449 C C   . MLY B 1 28 ? 8.853   -1.308  3.844   1.00 12.51 ? 28 MLY B C   1 
HETATM 450 O O   . MLY B 1 28 ? 8.728   -0.655  4.877   1.00 12.51 ? 28 MLY B O   1 
ATOM   451 N N   . CYS B 1 29 ? 8.503   -2.585  3.746   1.00 11.88 ? 29 CYS B N   1 
ATOM   452 C CA  . CYS B 1 29 ? 7.926   -3.301  4.875   1.00 11.79 ? 29 CYS B CA  1 
ATOM   453 C C   . CYS B 1 29 ? 8.964   -4.107  5.648   1.00 12.73 ? 29 CYS B C   1 
ATOM   454 O O   . CYS B 1 29 ? 9.951   -4.590  5.074   1.00 13.14 ? 29 CYS B O   1 
ATOM   455 C CB  . CYS B 1 29 ? 6.834   -4.251  4.395   1.00 11.92 ? 29 CYS B CB  1 
ATOM   456 S SG  . CYS B 1 29 ? 5.499   -3.527  3.396   1.00 11.02 ? 29 CYS B SG  1 
ATOM   457 N N   . TYR B 1 30 ? 8.725   -4.272  6.949   1.00 12.55 ? 30 TYR B N   1 
ATOM   458 C CA  . TYR B 1 30 ? 9.633   -5.023  7.810   1.00 13.53 ? 30 TYR B CA  1 
ATOM   459 C C   . TYR B 1 30 ? 8.869   -6.104  8.568   1.00 13.49 ? 30 TYR B C   1 
ATOM   460 O O   . TYR B 1 30 ? 7.884   -5.800  9.233   1.00 13.61 ? 30 TYR B O   1 
ATOM   461 C CB  . TYR B 1 30 ? 10.295  -4.097  8.833   1.00 14.75 ? 30 TYR B CB  1 
ATOM   462 C CG  . TYR B 1 30 ? 11.016  -2.908  8.246   1.00 15.66 ? 30 TYR B CG  1 
ATOM   463 C CD1 . TYR B 1 30 ? 10.329  -1.729  7.950   1.00 17.24 ? 30 TYR B CD1 1 
ATOM   464 C CD2 . TYR B 1 30 ? 12.389  -2.957  8.004   1.00 17.53 ? 30 TYR B CD2 1 
ATOM   465 C CE1 . TYR B 1 30 ? 10.995  -0.621  7.429   1.00 17.41 ? 30 TYR B CE1 1 
ATOM   466 C CE2 . TYR B 1 30 ? 13.066  -1.858  7.483   1.00 17.78 ? 30 TYR B CE2 1 
ATOM   467 C CZ  . TYR B 1 30 ? 12.365  -0.696  7.201   1.00 18.06 ? 30 TYR B CZ  1 
ATOM   468 O OH  . TYR B 1 30 ? 13.038  0.385   6.687   1.00 19.23 ? 30 TYR B OH  1 
HETATM 469 N N   . MLY B 1 31 ? 9.332   -7.351  8.484   1.00 13.35 ? 31 MLY B N   1 
HETATM 470 C CA  . MLY B 1 31 ? 8.672   -8.469  9.172   1.00 13.71 ? 31 MLY B CA  1 
HETATM 471 C CB  . MLY B 1 31 ? 9.234   -9.814  8.694   1.00 14.10 ? 31 MLY B CB  1 
HETATM 472 C CG  . MLY B 1 31 ? 8.911   -10.198 7.253   1.00 16.25 ? 31 MLY B CG  1 
HETATM 473 C CD  . MLY B 1 31 ? 7.464   -10.633 7.085   1.00 17.75 ? 31 MLY B CD  1 
HETATM 474 C CE  . MLY B 1 31 ? 7.260   -11.297 5.724   1.00 20.67 ? 31 MLY B CE  1 
HETATM 475 N NZ  . MLY B 1 31 ? 5.864   -11.757 5.481   1.00 20.43 ? 31 MLY B NZ  1 
HETATM 476 C CH1 . MLY B 1 31 ? 4.992   -10.548 5.466   1.00 21.33 ? 31 MLY B CH1 1 
HETATM 477 C CH2 . MLY B 1 31 ? 5.826   -12.432 4.150   1.00 21.75 ? 31 MLY B CH2 1 
HETATM 478 C C   . MLY B 1 31 ? 8.840   -8.378  10.684  1.00 13.61 ? 31 MLY B C   1 
HETATM 479 O O   . MLY B 1 31 ? 7.849   -8.616  11.409  1.00 12.19 ? 31 MLY B O   1 
HETATM 480 O OXT . MLY B 1 31 ? 9.971   -8.086  11.126  1.00 14.19 ? 31 MLY B OXT 1 
HETATM 481 O O   . HOH C 2 .  ? -9.260  4.028   -5.019  1.00 19.61 ? 32 HOH A O   1 
HETATM 482 O O   . HOH C 2 .  ? 4.649   -12.539 -1.293  1.00 15.64 ? 33 HOH A O   1 
HETATM 483 O O   . HOH C 2 .  ? 1.641   3.309   -10.525 1.00 29.36 ? 34 HOH A O   1 
HETATM 484 O O   . HOH C 2 .  ? 7.060   4.210   -7.773  1.00 19.79 ? 35 HOH A O   1 
HETATM 485 O O   . HOH C 2 .  ? 6.972   -5.160  -7.115  1.00 15.50 ? 36 HOH A O   1 
HETATM 486 O O   . HOH C 2 .  ? -15.994 2.483   -4.714  1.00 21.60 ? 37 HOH A O   1 
HETATM 487 O O   . HOH C 2 .  ? -11.267 1.198   -11.648 1.00 26.22 ? 38 HOH A O   1 
HETATM 488 O O   . HOH C 2 .  ? 5.734   -9.359  -5.827  1.00 15.55 ? 39 HOH A O   1 
HETATM 489 O O   . HOH C 2 .  ? -14.374 -0.670  -6.353  1.00 22.38 ? 40 HOH A O   1 
HETATM 490 O O   . HOH C 2 .  ? -9.089  2.084   0.908   1.00 20.34 ? 41 HOH A O   1 
HETATM 491 O O   . HOH C 2 .  ? -11.971 -5.139  3.327   1.00 23.46 ? 42 HOH A O   1 
HETATM 492 O O   . HOH C 2 .  ? -17.766 -0.863  -3.430  1.00 26.88 ? 43 HOH A O   1 
HETATM 493 O O   . HOH C 2 .  ? -18.706 -2.303  0.347   1.00 33.77 ? 44 HOH A O   1 
HETATM 494 O O   . HOH C 2 .  ? 0.249   -4.670  -11.215 1.00 18.57 ? 45 HOH A O   1 
HETATM 495 O O   . HOH C 2 .  ? -3.952  -7.916  -9.196  1.00 34.39 ? 46 HOH A O   1 
HETATM 496 O O   . HOH C 2 .  ? -13.521 8.507   -1.210  1.00 25.32 ? 47 HOH A O   1 
HETATM 497 O O   . HOH C 2 .  ? 9.316   -2.075  -4.188  1.00 30.30 ? 48 HOH A O   1 
HETATM 498 O O   . HOH C 2 .  ? -12.233 -0.797  -12.901 1.00 28.88 ? 49 HOH A O   1 
HETATM 499 O O   . HOH C 2 .  ? -6.424  -5.269  -9.027  1.00 25.19 ? 50 HOH A O   1 
HETATM 500 O O   . HOH C 2 .  ? -13.786 -2.821  -7.162  1.00 33.42 ? 51 HOH A O   1 
HETATM 501 O O   . HOH C 2 .  ? -14.896 -0.899  -4.040  1.00 24.10 ? 52 HOH A O   1 
HETATM 502 O O   . HOH C 2 .  ? -13.924 9.628   -5.548  1.00 25.92 ? 53 HOH A O   1 
HETATM 503 O O   . HOH C 2 .  ? -7.867  3.326   -3.062  1.00 24.66 ? 54 HOH A O   1 
HETATM 504 O O   . HOH C 2 .  ? -4.340  -2.553  2.930   1.00 32.21 ? 55 HOH A O   1 
HETATM 505 O O   . HOH C 2 .  ? 0.120   -1.989  -12.445 1.00 30.99 ? 56 HOH A O   1 
HETATM 506 O O   . HOH C 2 .  ? -4.308  0.039   -13.118 1.00 31.29 ? 57 HOH A O   1 
HETATM 507 O O   . HOH C 2 .  ? -6.315  4.446   -12.537 1.00 33.34 ? 58 HOH A O   1 
HETATM 508 O O   . HOH C 2 .  ? -16.665 -0.642  -7.329  1.00 38.47 ? 59 HOH A O   1 
HETATM 509 O O   . HOH C 2 .  ? -7.143  -3.512  -11.138 1.00 29.40 ? 60 HOH A O   1 
HETATM 510 O O   . HOH C 2 .  ? -6.425  -4.456  4.151   1.00 27.96 ? 61 HOH A O   1 
HETATM 511 O O   . HOH C 2 .  ? -18.105 -3.448  2.927   1.00 33.51 ? 62 HOH A O   1 
HETATM 512 O O   . HOH C 2 .  ? -13.525 11.254  -0.355  0.75 38.67 ? 63 HOH A O   1 
HETATM 513 O O   . HOH C 2 .  ? -5.704  4.408   -2.642  0.75 28.74 ? 64 HOH A O   1 
HETATM 514 O O   . HOH C 2 .  ? -9.721  4.004   -1.378  0.75 32.50 ? 65 HOH A O   1 
HETATM 515 O O   . HOH C 2 .  ? -1.960  -0.822  -13.251 0.75 28.42 ? 66 HOH A O   1 
HETATM 516 O O   . HOH C 2 .  ? -10.405 7.459   -2.610  0.75 30.54 ? 67 HOH A O   1 
HETATM 517 O O   . HOH C 2 .  ? 0.863   1.864   -12.700 0.75 32.44 ? 68 HOH A O   1 
HETATM 518 O O   . HOH C 2 .  ? -4.011  -6.637  -12.701 0.75 32.33 ? 69 HOH A O   1 
HETATM 519 O O   . HOH C 2 .  ? -1.273  -3.400  -14.300 0.75 35.34 ? 70 HOH A O   1 
HETATM 520 O O   . HOH C 2 .  ? -6.010  -12.396 -1.794  0.75 38.72 ? 71 HOH A O   1 
HETATM 521 O O   . HOH C 2 .  ? -7.902  -11.286 0.242   0.75 30.95 ? 72 HOH A O   1 
HETATM 522 O O   . HOH C 2 .  ? -1.519  -6.561  -13.598 0.75 36.39 ? 73 HOH A O   1 
HETATM 523 O O   . HOH C 2 .  ? -4.078  6.216   -8.216  0.75 43.20 ? 74 HOH A O   1 
HETATM 524 O O   . HOH C 2 .  ? -12.220 2.101   2.384   0.75 33.29 ? 75 HOH A O   1 
HETATM 525 O O   . HOH C 2 .  ? -1.957  -6.251  -11.019 0.75 43.29 ? 76 HOH A O   1 
HETATM 526 O O   . HOH C 2 .  ? -15.550 2.429   6.399   1.00 27.93 ? 77 HOH A O   1 
HETATM 527 O O   . HOH C 2 .  ? -8.321  -12.037 -3.066  0.75 45.72 ? 78 HOH A O   1 
HETATM 528 O O   . HOH C 2 .  ? -6.130  1.210   2.165   0.75 31.96 ? 79 HOH A O   1 
HETATM 529 O O   . HOH C 2 .  ? -16.147 -0.488  3.777   0.75 32.24 ? 80 HOH A O   1 
HETATM 530 O O   . HOH D 2 .  ? 6.014   10.709  2.309   1.00 7.81  ? 32 HOH B O   1 
HETATM 531 O O   . HOH D 2 .  ? 10.215  9.127   1.651   1.00 17.76 ? 33 HOH B O   1 
HETATM 532 O O   . HOH D 2 .  ? 0.710   5.878   -3.933  1.00 16.17 ? 34 HOH B O   1 
HETATM 533 O O   . HOH D 2 .  ? -1.804  -3.874  1.860   1.00 16.72 ? 35 HOH B O   1 
HETATM 534 O O   . HOH D 2 .  ? 6.510   4.477   9.437   1.00 15.28 ? 36 HOH B O   1 
HETATM 535 O O   . HOH D 2 .  ? 0.946   6.079   0.550   1.00 15.52 ? 37 HOH B O   1 
HETATM 536 O O   . HOH D 2 .  ? 4.057   5.643   10.141  1.00 19.45 ? 38 HOH B O   1 
HETATM 537 O O   . HOH D 2 .  ? 11.737  -7.880  7.000   1.00 17.44 ? 39 HOH B O   1 
HETATM 538 O O   . HOH D 2 .  ? 8.934   -4.374  1.738   1.00 15.20 ? 40 HOH B O   1 
HETATM 539 O O   . HOH D 2 .  ? 2.561   7.196   11.047  1.00 16.31 ? 41 HOH B O   1 
HETATM 540 O O   . HOH D 2 .  ? 2.212   -4.199  13.975  1.00 24.41 ? 42 HOH B O   1 
HETATM 541 O O   . HOH D 2 .  ? 0.969   -7.723  10.298  1.00 21.13 ? 43 HOH B O   1 
HETATM 542 O O   . HOH D 2 .  ? 13.500  3.373   -2.073  1.00 26.28 ? 44 HOH B O   1 
HETATM 543 O O   . HOH D 2 .  ? -4.327  -2.288  7.438   1.00 31.56 ? 45 HOH B O   1 
HETATM 544 O O   . HOH D 2 .  ? 5.765   10.584  -1.451  1.00 24.15 ? 46 HOH B O   1 
HETATM 545 O O   . HOH D 2 .  ? 11.135  -7.594  4.545   1.00 27.25 ? 47 HOH B O   1 
HETATM 546 O O   . HOH D 2 .  ? -2.190  9.382   9.117   1.00 21.82 ? 48 HOH B O   1 
HETATM 547 O O   . HOH D 2 .  ? 7.653   10.079  0.798   1.00 15.97 ? 49 HOH B O   1 
HETATM 548 O O   . HOH D 2 .  ? 7.255   9.985   4.367   1.00 20.62 ? 50 HOH B O   1 
HETATM 549 O O   . HOH D 2 .  ? 5.171   12.398  0.516   1.00 32.34 ? 51 HOH B O   1 
HETATM 550 O O   . HOH D 2 .  ? 0.143   7.621   -5.743  1.00 40.12 ? 52 HOH B O   1 
HETATM 551 O O   . HOH D 2 .  ? 15.477  -0.370  5.882   1.00 26.00 ? 53 HOH B O   1 
HETATM 552 O O   . HOH D 2 .  ? -4.385  -0.990  5.077   1.00 35.02 ? 54 HOH B O   1 
HETATM 553 O O   . HOH D 2 .  ? 7.350   2.323   11.629  1.00 43.40 ? 55 HOH B O   1 
HETATM 554 O O   . HOH D 2 .  ? -2.215  12.022  -2.075  1.00 36.56 ? 56 HOH B O   1 
HETATM 555 O O   . HOH D 2 .  ? -0.859  7.243   -1.961  1.00 35.02 ? 57 HOH B O   1 
HETATM 556 O O   . HOH D 2 .  ? -2.580  6.853   6.515   1.00 44.09 ? 58 HOH B O   1 
HETATM 557 O O   . HOH D 2 .  ? 8.749   11.860  -4.508  1.00 42.17 ? 59 HOH B O   1 
HETATM 558 O O   . HOH D 2 .  ? 9.975   -9.721  3.409   1.00 34.68 ? 60 HOH B O   1 
HETATM 559 O O   . HOH D 2 .  ? 14.236  4.028   -4.489  1.00 38.71 ? 61 HOH B O   1 
HETATM 560 O O   . HOH D 2 .  ? 9.321   -8.626  1.068   1.00 24.57 ? 62 HOH B O   1 
HETATM 561 O O   . HOH D 2 .  ? 1.360   9.817   -6.820  1.00 31.76 ? 63 HOH B O   1 
HETATM 562 O O   . HOH D 2 .  ? -3.523  8.723   4.678   1.00 38.36 ? 64 HOH B O   1 
HETATM 563 O O   . HOH D 2 .  ? 2.380   -1.996  16.209  1.00 25.14 ? 65 HOH B O   1 
HETATM 564 O O   . HOH D 2 .  ? -4.113  4.723   6.066   1.00 29.04 ? 66 HOH B O   1 
HETATM 565 O O   . HOH D 2 .  ? 9.222   0.620   -6.715  0.75 48.79 ? 67 HOH B O   1 
HETATM 566 O O   . HOH D 2 .  ? -0.169  -9.247  12.070  0.75 33.13 ? 68 HOH B O   1 
HETATM 567 O O   . HOH D 2 .  ? 16.185  5.095   -3.298  0.75 37.49 ? 69 HOH B O   1 
HETATM 568 O O   . HOH D 2 .  ? -3.662  -2.586  9.891   0.75 28.93 ? 70 HOH B O   1 
HETATM 569 O O   . HOH D 2 .  ? 11.260  10.996  -3.953  0.75 37.48 ? 71 HOH B O   1 
HETATM 570 O O   . HOH D 2 .  ? 1.737   15.469  -1.683  0.75 37.72 ? 72 HOH B O   1 
HETATM 571 O O   . HOH D 2 .  ? 10.409  -1.072  -1.057  0.75 31.10 ? 73 HOH B O   1 
HETATM 572 O O   . HOH D 2 .  ? -3.185  14.560  1.868   0.75 28.60 ? 74 HOH B O   1 
HETATM 573 O O   . HOH D 2 .  ? 16.403  0.429   8.201   0.75 28.44 ? 75 HOH B O   1 
HETATM 574 O O   . HOH D 2 .  ? 11.571  -11.525 4.188   0.75 32.48 ? 76 HOH B O   1 
HETATM 575 O O   . HOH D 2 .  ? 10.248  13.345  -6.068  0.75 35.93 ? 77 HOH B O   1 
HETATM 576 O O   . HOH D 2 .  ? 11.901  -9.173  8.867   0.75 53.60 ? 78 HOH B O   1 
HETATM 577 O O   . HOH D 2 .  ? -4.837  -7.721  5.016   0.75 46.89 ? 79 HOH B O   1 
HETATM 578 O O   . HOH D 2 .  ? 15.604  5.106   -7.154  0.75 34.18 ? 80 HOH B O   1 
HETATM 579 O O   . HOH D 2 .  ? -4.444  10.938  3.966   0.75 50.44 ? 81 HOH B O   1 
HETATM 580 O O   . HOH D 2 .  ? 12.318  1.107   -0.481  0.75 37.12 ? 82 HOH B O   1 
HETATM 581 O O   . HOH D 2 .  ? 14.585  6.772   -5.057  0.75 49.97 ? 83 HOH B O   1 
HETATM 582 O O   . HOH D 2 .  ? -0.539  10.181  6.664   0.75 39.30 ? 84 HOH B O   1 
HETATM 583 O O   . HOH D 2 .  ? 2.827   8.017   -7.448  0.75 40.90 ? 85 HOH B O   1 
HETATM 584 O O   . HOH D 2 .  ? -0.812  15.746  -1.705  0.75 36.57 ? 86 HOH B O   1 
HETATM 585 O O   . HOH D 2 .  ? 3.589   -3.819  8.555   0.75 58.82 ? 87 HOH B O   1 
HETATM 586 O O   . HOH D 2 .  ? -4.092  10.412  -1.223  0.75 33.51 ? 88 HOH B O   1 
HETATM 587 O O   . HOH D 2 .  ? 12.183  -2.778  -0.524  0.75 34.07 ? 89 HOH B O   1 
HETATM 588 O O   . HOH D 2 .  ? 11.034  6.116   -5.315  0.75 35.76 ? 90 HOH B O   1 
# 
